data_4E70
#
_entry.id   4E70
#
_cell.length_a   76.018
_cell.length_b   104.451
_cell.length_c   109.800
_cell.angle_alpha   90.00
_cell.angle_beta   90.00
_cell.angle_gamma   90.00
#
_symmetry.space_group_name_H-M   'P 21 21 21'
#
loop_
_entity.id
_entity.type
_entity.pdbx_description
1 polymer 'Coniferyl alcohol 9-O-methyltransferase'
2 non-polymer GLYCEROL
3 non-polymer 4-[(1E)-3-hydroxyprop-1-en-1-yl]-2-methoxyphenol
4 water water
#
_entity_poly.entity_id   1
_entity_poly.type   'polypeptide(L)'
_entity_poly.pdbx_seq_one_letter_code
;MGSSHHHHHHSSGLVPRGSHMDAATAVELLDAQPQVWHHFLGYINSMTLQCALELDIADVIHRHGHPIPLNQLAAALEIP
QTKAPFLSRLMRMLVHLGYFTQVITKPEDENDDVLPSYWLAPLSRLLLKQNPYNARSLTFCSVHEHLVDPWRQMSAWLRT
GKEDGKDTPNAFAFAHEGKKVYEVCSEDANFSQLFSEGMAGDSWLFSRALVSKCRDAFEGLSSLVDVGGGTGNTSKVIAE
TFPNIHCTVFDLPHVVSGPKQTHPNLDYESGNMFTDEIPHADAVLFKWVLCDWPDEPVLKMLKQCKKALTKNGVKGKLMI
ADHVLDHESCNDSNSMGTSLILDMLFMSFLEGSLRTEKQWAKLFAEAGFKDYKITPVGGLRVLIEVYP
;
_entity_poly.pdbx_strand_id   A,B
#
loop_
_chem_comp.id
_chem_comp.type
_chem_comp.name
_chem_comp.formula
GOL non-polymer GLYCEROL 'C3 H8 O3'
N7I non-polymer 4-[(1E)-3-hydroxyprop-1-en-1-yl]-2-methoxyphenol 'C10 H12 O3'
#
# COMPACT_ATOMS: atom_id res chain seq x y z
N MET A 21 7.59 -31.21 6.84
CA MET A 21 6.62 -30.61 5.94
C MET A 21 6.66 -31.26 4.56
N ASP A 22 5.51 -31.67 4.06
CA ASP A 22 5.47 -32.29 2.74
C ASP A 22 5.53 -31.25 1.64
N ALA A 23 5.80 -31.72 0.43
CA ALA A 23 5.97 -30.85 -0.72
C ALA A 23 4.74 -29.99 -0.98
N ALA A 24 3.56 -30.61 -0.90
CA ALA A 24 2.31 -29.91 -1.15
C ALA A 24 2.15 -28.69 -0.24
N THR A 25 2.53 -28.85 1.03
CA THR A 25 2.45 -27.77 1.99
C THR A 25 3.46 -26.68 1.69
N ALA A 26 4.66 -27.08 1.28
CA ALA A 26 5.71 -26.12 0.93
C ALA A 26 5.29 -25.27 -0.26
N VAL A 27 4.70 -25.90 -1.27
CA VAL A 27 4.23 -25.18 -2.44
C VAL A 27 3.08 -24.23 -2.10
N GLU A 28 2.16 -24.71 -1.26
CA GLU A 28 1.07 -23.87 -0.80
C GLU A 28 1.59 -22.61 -0.11
N LEU A 29 2.57 -22.78 0.78
CA LEU A 29 3.10 -21.65 1.52
C LEU A 29 3.88 -20.72 0.60
N LEU A 30 4.63 -21.31 -0.32
CA LEU A 30 5.37 -20.53 -1.31
C LEU A 30 4.43 -19.64 -2.13
N ASP A 31 3.28 -20.20 -2.51
CA ASP A 31 2.29 -19.46 -3.28
C ASP A 31 1.49 -18.43 -2.47
N ALA A 32 1.52 -18.58 -1.14
CA ALA A 32 0.90 -17.62 -0.25
C ALA A 32 1.81 -16.44 0.07
N GLN A 33 3.12 -16.67 -0.01
CA GLN A 33 4.12 -15.64 0.28
CA GLN A 33 4.08 -15.64 0.30
C GLN A 33 3.90 -14.32 -0.46
N PRO A 34 3.61 -14.37 -1.78
CA PRO A 34 3.43 -13.08 -2.47
C PRO A 34 2.28 -12.21 -1.92
N GLN A 35 1.30 -12.82 -1.26
CA GLN A 35 0.25 -12.03 -0.63
C GLN A 35 0.84 -11.16 0.47
N VAL A 36 1.77 -11.73 1.22
CA VAL A 36 2.43 -11.00 2.30
C VAL A 36 3.35 -9.94 1.70
N TRP A 37 4.11 -10.32 0.67
CA TRP A 37 4.96 -9.37 -0.04
C TRP A 37 4.13 -8.18 -0.50
N HIS A 38 2.96 -8.46 -1.05
CA HIS A 38 2.12 -7.40 -1.57
C HIS A 38 1.70 -6.46 -0.44
N HIS A 39 1.43 -7.02 0.73
CA HIS A 39 1.10 -6.19 1.89
C HIS A 39 2.26 -5.31 2.30
N PHE A 40 3.43 -5.90 2.56
CA PHE A 40 4.52 -5.05 3.06
C PHE A 40 5.09 -4.10 2.00
N LEU A 41 4.89 -4.43 0.74
CA LEU A 41 5.30 -3.51 -0.32
C LEU A 41 4.20 -2.54 -0.75
N GLY A 42 3.16 -2.42 0.07
CA GLY A 42 2.05 -1.52 -0.25
C GLY A 42 2.47 -0.10 -0.51
N TYR A 43 3.53 0.35 0.18
CA TYR A 43 4.05 1.71 -0.01
C TYR A 43 4.53 1.94 -1.45
N ILE A 44 4.87 0.88 -2.17
CA ILE A 44 5.22 1.02 -3.59
C ILE A 44 4.06 1.59 -4.43
N ASN A 45 2.84 1.15 -4.16
CA ASN A 45 1.68 1.78 -4.79
C ASN A 45 1.61 3.28 -4.47
N SER A 46 1.84 3.60 -3.21
CA SER A 46 1.78 4.99 -2.75
C SER A 46 2.80 5.83 -3.50
N MET A 47 4.01 5.31 -3.57
CA MET A 47 5.12 6.09 -4.14
C MET A 47 5.09 6.16 -5.66
N THR A 48 4.65 5.09 -6.32
N THR A 48 4.63 5.09 -6.30
CA THR A 48 4.56 5.15 -7.79
CA THR A 48 4.52 5.07 -7.74
C THR A 48 3.47 6.11 -8.23
C THR A 48 3.48 6.09 -8.20
N LEU A 49 2.34 6.11 -7.53
CA LEU A 49 1.29 7.06 -7.85
C LEU A 49 1.79 8.48 -7.57
N GLN A 50 2.48 8.69 -6.45
CA GLN A 50 3.02 10.03 -6.17
C GLN A 50 3.96 10.47 -7.30
N CYS A 51 4.82 9.57 -7.78
N CYS A 51 4.80 9.54 -7.78
CA CYS A 51 5.70 9.90 -8.90
CA CYS A 51 5.71 9.84 -8.87
C CYS A 51 4.91 10.33 -10.13
C CYS A 51 4.96 10.27 -10.13
N ALA A 52 3.85 9.60 -10.43
CA ALA A 52 3.01 9.94 -11.57
C ALA A 52 2.47 11.36 -11.44
N LEU A 53 2.15 11.78 -10.22
CA LEU A 53 1.63 13.13 -10.02
C LEU A 53 2.76 14.16 -10.09
N GLU A 54 3.89 13.86 -9.47
CA GLU A 54 5.04 14.77 -9.51
C GLU A 54 5.47 15.06 -10.94
N LEU A 55 5.46 14.02 -11.77
CA LEU A 55 5.86 14.12 -13.16
C LEU A 55 4.78 14.69 -14.06
N ASP A 56 3.58 14.89 -13.49
CA ASP A 56 2.42 15.38 -14.23
CA ASP A 56 2.41 15.37 -14.23
C ASP A 56 2.06 14.51 -15.44
N ILE A 57 2.21 13.20 -15.29
CA ILE A 57 2.00 12.31 -16.43
C ILE A 57 0.61 12.43 -17.07
N ALA A 58 -0.45 12.40 -16.25
CA ALA A 58 -1.80 12.48 -16.78
C ALA A 58 -2.01 13.73 -17.62
N ASP A 59 -1.58 14.89 -17.11
CA ASP A 59 -1.82 16.11 -17.86
C ASP A 59 -0.98 16.22 -19.12
N VAL A 60 0.25 15.71 -19.06
CA VAL A 60 1.12 15.71 -20.22
C VAL A 60 0.52 14.85 -21.32
N ILE A 61 0.02 13.66 -20.96
CA ILE A 61 -0.59 12.79 -21.95
C ILE A 61 -1.87 13.42 -22.51
N HIS A 62 -2.70 13.97 -21.62
CA HIS A 62 -3.93 14.63 -22.03
C HIS A 62 -3.67 15.78 -23.01
N ARG A 63 -2.66 16.59 -22.71
CA ARG A 63 -2.30 17.72 -23.57
C ARG A 63 -1.84 17.25 -24.95
N HIS A 64 -1.17 16.10 -24.99
CA HIS A 64 -0.69 15.53 -26.25
C HIS A 64 -1.87 15.22 -27.16
N GLY A 65 -2.97 14.75 -26.57
CA GLY A 65 -4.24 14.66 -27.26
C GLY A 65 -4.52 13.35 -27.98
N HIS A 66 -3.49 12.51 -28.06
CA HIS A 66 -3.63 11.18 -28.64
C HIS A 66 -2.51 10.33 -28.03
N PRO A 67 -2.52 9.01 -28.28
CA PRO A 67 -1.52 8.19 -27.59
C PRO A 67 -0.08 8.62 -27.91
N ILE A 68 0.75 8.59 -26.88
CA ILE A 68 2.09 9.17 -26.98
C ILE A 68 3.16 8.09 -26.86
N PRO A 69 4.09 8.04 -27.85
CA PRO A 69 5.20 7.09 -27.81
C PRO A 69 6.11 7.33 -26.61
N LEU A 70 6.75 6.28 -26.13
CA LEU A 70 7.64 6.35 -24.97
C LEU A 70 8.72 7.43 -25.07
N ASN A 71 9.37 7.52 -26.23
CA ASN A 71 10.44 8.53 -26.39
C ASN A 71 9.91 9.96 -26.29
N GLN A 72 8.77 10.21 -26.90
CA GLN A 72 8.14 11.51 -26.82
C GLN A 72 7.65 11.79 -25.40
N LEU A 73 7.19 10.76 -24.71
CA LEU A 73 6.72 10.94 -23.34
C LEU A 73 7.88 11.31 -22.44
N ALA A 74 9.01 10.62 -22.60
CA ALA A 74 10.19 10.94 -21.81
C ALA A 74 10.58 12.40 -22.00
N ALA A 75 10.61 12.84 -23.25
CA ALA A 75 10.96 14.22 -23.57
C ALA A 75 9.99 15.19 -22.90
N ALA A 76 8.70 14.87 -22.98
CA ALA A 76 7.67 15.75 -22.44
C ALA A 76 7.77 15.84 -20.91
N LEU A 77 8.25 14.76 -20.28
CA LEU A 77 8.41 14.75 -18.84
C LEU A 77 9.79 15.24 -18.38
N GLU A 78 10.62 15.68 -19.33
CA GLU A 78 12.03 16.04 -19.06
C GLU A 78 12.86 14.93 -18.44
N ILE A 79 12.54 13.70 -18.85
CA ILE A 79 13.32 12.54 -18.50
C ILE A 79 14.25 12.26 -19.68
N PRO A 80 15.58 12.17 -19.41
CA PRO A 80 16.55 11.95 -20.48
C PRO A 80 16.25 10.64 -21.19
N GLN A 81 16.49 10.59 -22.49
CA GLN A 81 16.22 9.38 -23.27
C GLN A 81 16.93 8.17 -22.68
N THR A 82 18.10 8.39 -22.09
CA THR A 82 18.83 7.30 -21.43
C THR A 82 18.04 6.62 -20.31
N LYS A 83 17.06 7.32 -19.75
CA LYS A 83 16.29 6.72 -18.67
C LYS A 83 14.89 6.31 -19.10
N ALA A 84 14.62 6.41 -20.41
CA ALA A 84 13.33 5.94 -20.93
C ALA A 84 12.98 4.49 -20.54
N PRO A 85 13.97 3.57 -20.47
CA PRO A 85 13.57 2.21 -20.06
C PRO A 85 12.98 2.15 -18.64
N PHE A 86 13.43 3.03 -17.76
CA PHE A 86 12.86 3.08 -16.41
C PHE A 86 11.47 3.69 -16.42
N LEU A 87 11.28 4.72 -17.23
CA LEU A 87 9.96 5.30 -17.43
C LEU A 87 8.98 4.26 -17.95
N SER A 88 9.42 3.44 -18.89
CA SER A 88 8.59 2.37 -19.45
C SER A 88 8.12 1.45 -18.34
N ARG A 89 9.03 1.08 -17.45
CA ARG A 89 8.65 0.20 -16.34
C ARG A 89 7.68 0.88 -15.35
N LEU A 90 7.90 2.15 -15.07
CA LEU A 90 6.96 2.90 -14.23
C LEU A 90 5.58 2.95 -14.90
N MET A 91 5.56 3.17 -16.21
CA MET A 91 4.28 3.20 -16.93
C MET A 91 3.56 1.85 -16.89
N ARG A 92 4.33 0.77 -17.02
CA ARG A 92 3.76 -0.58 -16.96
C ARG A 92 3.07 -0.80 -15.62
N MET A 93 3.70 -0.34 -14.53
CA MET A 93 3.10 -0.38 -13.21
C MET A 93 1.80 0.44 -13.17
N LEU A 94 1.85 1.66 -13.68
CA LEU A 94 0.70 2.56 -13.65
C LEU A 94 -0.46 2.09 -14.54
N VAL A 95 -0.12 1.39 -15.63
CA VAL A 95 -1.14 0.79 -16.49
C VAL A 95 -1.84 -0.32 -15.73
N HIS A 96 -1.07 -1.14 -15.02
CA HIS A 96 -1.68 -2.19 -14.19
C HIS A 96 -2.61 -1.61 -13.14
N LEU A 97 -2.18 -0.51 -12.51
CA LEU A 97 -2.99 0.13 -11.48
C LEU A 97 -4.30 0.71 -12.03
N GLY A 98 -4.30 1.01 -13.33
CA GLY A 98 -5.51 1.44 -14.02
C GLY A 98 -5.57 2.90 -14.43
N TYR A 99 -4.44 3.61 -14.31
CA TYR A 99 -4.45 5.05 -14.63
C TYR A 99 -4.26 5.31 -16.10
N PHE A 100 -3.42 4.49 -16.73
CA PHE A 100 -3.09 4.69 -18.12
C PHE A 100 -3.31 3.41 -18.90
N THR A 101 -3.29 3.52 -20.23
CA THR A 101 -3.42 2.37 -21.10
C THR A 101 -2.22 2.32 -22.03
N GLN A 102 -1.88 1.14 -22.51
CA GLN A 102 -0.89 1.04 -23.56
C GLN A 102 -1.63 0.71 -24.83
N VAL A 103 -1.51 1.58 -25.82
CA VAL A 103 -2.18 1.40 -27.08
C VAL A 103 -1.24 0.68 -28.02
N ILE A 104 -1.64 -0.51 -28.46
CA ILE A 104 -0.81 -1.34 -29.30
C ILE A 104 -0.84 -0.79 -30.71
N THR A 105 0.34 -0.59 -31.32
CA THR A 105 0.41 -0.04 -32.67
C THR A 105 0.93 -1.06 -33.69
N LYS A 106 1.61 -2.09 -33.21
CA LYS A 106 2.18 -3.09 -34.09
C LYS A 106 2.04 -4.50 -33.52
N PRO A 107 1.96 -5.51 -34.41
CA PRO A 107 1.96 -6.91 -33.98
C PRO A 107 3.33 -7.32 -33.46
N VAL A 114 7.20 -3.17 -29.38
CA VAL A 114 8.20 -2.26 -28.82
C VAL A 114 7.85 -0.81 -29.15
N LEU A 115 8.57 0.12 -28.53
CA LEU A 115 8.15 1.52 -28.45
C LEU A 115 6.66 1.61 -28.14
N PRO A 116 6.32 1.44 -26.87
CA PRO A 116 4.94 1.53 -26.39
C PRO A 116 4.38 2.92 -26.61
N SER A 117 3.08 3.02 -26.87
CA SER A 117 2.41 4.31 -26.83
C SER A 117 1.41 4.28 -25.70
N TYR A 118 1.24 5.41 -25.04
CA TYR A 118 0.40 5.46 -23.84
C TYR A 118 -0.77 6.39 -24.00
N TRP A 119 -1.89 6.01 -23.40
CA TRP A 119 -3.05 6.89 -23.35
C TRP A 119 -3.69 6.85 -21.95
N LEU A 120 -4.81 7.54 -21.82
CA LEU A 120 -5.49 7.69 -20.53
C LEU A 120 -6.55 6.62 -20.35
N ALA A 121 -6.65 6.10 -19.12
CA ALA A 121 -7.75 5.23 -18.71
C ALA A 121 -8.74 6.08 -17.92
N PRO A 122 -9.98 5.59 -17.74
CA PRO A 122 -10.99 6.39 -17.02
C PRO A 122 -10.55 6.89 -15.64
N LEU A 123 -9.77 6.10 -14.92
CA LEU A 123 -9.34 6.50 -13.59
C LEU A 123 -8.49 7.77 -13.62
N SER A 124 -7.86 8.03 -14.76
CA SER A 124 -6.99 9.19 -14.86
C SER A 124 -7.76 10.51 -14.82
N ARG A 125 -9.09 10.45 -14.98
CA ARG A 125 -9.92 11.64 -14.79
C ARG A 125 -9.70 12.23 -13.40
N LEU A 126 -9.44 11.37 -12.42
CA LEU A 126 -9.19 11.85 -11.07
C LEU A 126 -7.78 12.40 -10.84
N LEU A 127 -6.93 12.34 -11.86
CA LEU A 127 -5.57 12.87 -11.76
C LEU A 127 -5.36 14.20 -12.48
N LEU A 128 -6.32 14.61 -13.30
CA LEU A 128 -6.10 15.75 -14.20
C LEU A 128 -6.30 17.08 -13.47
N LYS A 129 -5.31 17.95 -13.58
CA LYS A 129 -5.32 19.22 -12.85
C LYS A 129 -6.52 20.09 -13.13
N GLN A 130 -6.99 20.05 -14.39
CA GLN A 130 -8.09 20.91 -14.81
C GLN A 130 -9.42 20.51 -14.19
N ASN A 131 -9.50 19.30 -13.64
CA ASN A 131 -10.74 18.83 -13.03
C ASN A 131 -10.80 19.25 -11.56
N PRO A 132 -11.85 19.98 -11.17
CA PRO A 132 -11.98 20.49 -9.80
C PRO A 132 -12.11 19.39 -8.77
N TYR A 133 -12.37 18.18 -9.25
CA TYR A 133 -12.52 17.03 -8.38
C TYR A 133 -11.30 16.12 -8.38
N ASN A 134 -10.19 16.57 -8.95
CA ASN A 134 -9.01 15.71 -8.98
C ASN A 134 -8.48 15.45 -7.57
N ALA A 135 -7.77 14.34 -7.46
CA ALA A 135 -7.32 13.83 -6.16
C ALA A 135 -5.85 14.11 -5.90
N ARG A 136 -5.26 15.05 -6.65
CA ARG A 136 -3.82 15.29 -6.50
C ARG A 136 -3.44 15.76 -5.10
N SER A 137 -4.11 16.79 -4.62
CA SER A 137 -3.76 17.33 -3.30
C SER A 137 -3.95 16.29 -2.18
N LEU A 138 -5.02 15.52 -2.22
CA LEU A 138 -5.25 14.51 -1.20
C LEU A 138 -4.18 13.43 -1.26
N THR A 139 -3.74 13.09 -2.46
CA THR A 139 -2.65 12.14 -2.61
C THR A 139 -1.37 12.63 -1.96
N PHE A 140 -0.96 13.84 -2.31
CA PHE A 140 0.27 14.42 -1.80
C PHE A 140 0.20 14.53 -0.28
N CYS A 141 -0.95 14.93 0.23
CA CYS A 141 -1.16 15.05 1.68
C CYS A 141 -0.99 13.69 2.36
N SER A 142 -1.64 12.69 1.79
CA SER A 142 -1.72 11.37 2.41
C SER A 142 -0.40 10.62 2.46
N VAL A 143 0.46 10.85 1.47
CA VAL A 143 1.75 10.16 1.43
C VAL A 143 2.89 11.01 2.00
N HIS A 144 2.54 12.19 2.52
CA HIS A 144 3.51 13.12 3.06
C HIS A 144 4.21 12.51 4.29
N GLU A 145 5.46 12.91 4.50
CA GLU A 145 6.25 12.50 5.67
C GLU A 145 5.47 12.67 6.99
N HIS A 146 4.72 13.76 7.11
CA HIS A 146 3.94 14.03 8.33
C HIS A 146 3.00 12.88 8.68
N LEU A 147 2.44 12.23 7.66
CA LEU A 147 1.46 11.17 7.90
C LEU A 147 2.07 9.77 7.87
N VAL A 148 3.12 9.59 7.09
CA VAL A 148 3.80 8.29 7.01
C VAL A 148 4.69 8.02 8.24
N ASP A 149 5.54 8.99 8.58
CA ASP A 149 6.50 8.81 9.66
C ASP A 149 5.96 8.34 11.03
N PRO A 150 4.81 8.88 11.47
CA PRO A 150 4.35 8.46 12.80
C PRO A 150 4.06 6.96 12.90
N TRP A 151 3.83 6.30 11.78
CA TRP A 151 3.62 4.85 11.82
C TRP A 151 4.81 4.08 12.35
N ARG A 152 6.01 4.65 12.23
CA ARG A 152 7.19 3.99 12.76
C ARG A 152 7.22 4.07 14.29
N GLN A 153 6.30 4.82 14.88
CA GLN A 153 6.20 4.90 16.33
C GLN A 153 4.86 4.39 16.86
N MET A 154 4.06 3.77 16.00
CA MET A 154 2.72 3.30 16.37
C MET A 154 2.75 2.25 17.48
N SER A 155 3.66 1.28 17.37
CA SER A 155 3.77 0.26 18.44
C SER A 155 4.16 0.86 19.78
N ALA A 156 5.08 1.82 19.76
CA ALA A 156 5.49 2.50 20.98
C ALA A 156 4.33 3.30 21.57
N TRP A 157 3.58 3.98 20.71
CA TRP A 157 2.43 4.75 21.15
C TRP A 157 1.36 3.84 21.76
N LEU A 158 1.10 2.71 21.12
CA LEU A 158 0.11 1.75 21.63
C LEU A 158 0.50 1.24 23.02
N ARG A 159 1.80 1.19 23.30
CA ARG A 159 2.29 0.69 24.58
C ARG A 159 2.48 1.78 25.63
N THR A 160 2.14 3.02 25.26
CA THR A 160 2.32 4.14 26.17
C THR A 160 1.10 4.28 27.07
N GLY A 161 1.35 4.29 28.38
CA GLY A 161 0.29 4.47 29.36
C GLY A 161 0.14 5.92 29.72
N LYS A 162 -0.92 6.25 30.45
CA LYS A 162 -1.18 7.62 30.86
C LYS A 162 -0.61 7.88 32.26
N GLU A 163 0.69 7.62 32.42
CA GLU A 163 1.35 7.80 33.71
C GLU A 163 2.86 7.88 33.58
N ASP A 164 3.32 8.86 32.80
CA ASP A 164 4.74 9.11 32.63
C ASP A 164 4.89 10.47 31.95
N GLY A 165 3.76 11.02 31.52
CA GLY A 165 3.73 12.31 30.88
C GLY A 165 4.10 12.24 29.42
N LYS A 166 4.18 11.02 28.90
CA LYS A 166 4.63 10.81 27.53
C LYS A 166 3.48 10.53 26.57
N ASP A 167 2.29 10.28 27.10
CA ASP A 167 1.16 9.91 26.25
C ASP A 167 0.63 11.07 25.43
N THR A 168 -0.01 10.75 24.31
CA THR A 168 -0.54 11.73 23.38
C THR A 168 -1.83 11.14 22.82
N PRO A 169 -2.69 11.98 22.22
CA PRO A 169 -3.95 11.44 21.68
C PRO A 169 -3.78 10.42 20.56
N ASN A 170 -2.69 10.50 19.79
CA ASN A 170 -2.50 9.58 18.68
C ASN A 170 -1.02 9.48 18.34
N ALA A 171 -0.68 8.58 17.42
CA ALA A 171 0.70 8.40 17.02
C ALA A 171 1.26 9.65 16.34
N PHE A 172 0.43 10.37 15.60
CA PHE A 172 0.87 11.59 14.92
C PHE A 172 1.44 12.56 15.94
N ALA A 173 0.68 12.82 17.00
CA ALA A 173 1.16 13.74 18.04
C ALA A 173 2.36 13.17 18.77
N PHE A 174 2.38 11.86 18.94
CA PHE A 174 3.48 11.17 19.63
C PHE A 174 4.77 11.44 18.85
N ALA A 175 4.66 11.50 17.53
CA ALA A 175 5.81 11.68 16.66
C ALA A 175 6.05 13.15 16.27
N HIS A 176 5.24 14.06 16.78
CA HIS A 176 5.38 15.48 16.46
C HIS A 176 5.49 16.34 17.72
N GLU A 177 6.21 15.84 18.71
CA GLU A 177 6.43 16.58 19.97
C GLU A 177 5.13 17.00 20.64
N GLY A 178 4.10 16.17 20.54
CA GLY A 178 2.83 16.42 21.20
C GLY A 178 1.82 17.20 20.36
N LYS A 179 2.23 17.63 19.18
CA LYS A 179 1.37 18.46 18.34
C LYS A 179 0.36 17.65 17.53
N LYS A 180 -0.90 18.02 17.64
CA LYS A 180 -1.93 17.39 16.82
C LYS A 180 -1.87 17.96 15.42
N VAL A 181 -2.64 17.37 14.51
CA VAL A 181 -2.57 17.75 13.10
C VAL A 181 -2.96 19.21 12.87
N TYR A 182 -3.86 19.74 13.71
CA TYR A 182 -4.31 21.13 13.58
C TYR A 182 -3.15 22.08 13.78
N GLU A 183 -2.31 21.76 14.76
CA GLU A 183 -1.18 22.61 15.09
C GLU A 183 -0.10 22.52 14.01
N VAL A 184 0.13 21.32 13.50
CA VAL A 184 1.12 21.12 12.44
C VAL A 184 0.69 21.84 11.16
N CYS A 185 -0.61 21.82 10.87
CA CYS A 185 -1.15 22.57 9.73
C CYS A 185 -0.95 24.07 9.89
N SER A 186 -1.08 24.56 11.11
CA SER A 186 -0.91 25.99 11.36
C SER A 186 0.55 26.40 11.18
N GLU A 187 1.45 25.41 11.25
CA GLU A 187 2.87 25.64 11.10
C GLU A 187 3.36 25.37 9.67
N ASP A 188 2.63 24.53 8.94
CA ASP A 188 3.05 24.06 7.63
C ASP A 188 1.99 24.42 6.61
N ALA A 189 2.11 25.62 6.03
CA ALA A 189 1.10 26.15 5.12
C ALA A 189 0.90 25.27 3.90
N ASN A 190 1.98 24.71 3.37
CA ASN A 190 1.86 23.79 2.23
C ASN A 190 1.05 22.55 2.57
N PHE A 191 1.38 21.91 3.69
CA PHE A 191 0.67 20.70 4.11
C PHE A 191 -0.80 21.02 4.36
N SER A 192 -1.06 22.14 5.01
CA SER A 192 -2.42 22.56 5.32
C SER A 192 -3.25 22.76 4.04
N GLN A 193 -2.62 23.38 3.04
CA GLN A 193 -3.31 23.65 1.78
C GLN A 193 -3.65 22.36 1.05
N LEU A 194 -2.74 21.38 1.12
CA LEU A 194 -3.01 20.08 0.49
C LEU A 194 -4.25 19.43 1.10
N PHE A 195 -4.34 19.45 2.43
CA PHE A 195 -5.44 18.85 3.13
C PHE A 195 -6.76 19.55 2.75
N SER A 196 -6.76 20.88 2.76
CA SER A 196 -7.99 21.60 2.47
C SER A 196 -8.45 21.39 1.01
N GLU A 197 -7.50 21.38 0.09
CA GLU A 197 -7.81 21.16 -1.32
C GLU A 197 -8.35 19.74 -1.50
N GLY A 198 -7.79 18.80 -0.74
CA GLY A 198 -8.22 17.42 -0.81
C GLY A 198 -9.67 17.25 -0.42
N MET A 199 -10.06 17.91 0.67
CA MET A 199 -11.43 17.83 1.14
C MET A 199 -12.40 18.51 0.16
N ALA A 200 -11.99 19.67 -0.36
CA ALA A 200 -12.83 20.38 -1.33
C ALA A 200 -13.10 19.56 -2.59
N GLY A 201 -12.07 18.89 -3.10
CA GLY A 201 -12.23 18.07 -4.28
C GLY A 201 -13.25 16.96 -4.05
N ASP A 202 -13.16 16.30 -2.90
CA ASP A 202 -14.12 15.27 -2.57
C ASP A 202 -15.54 15.82 -2.44
N SER A 203 -15.66 16.98 -1.81
CA SER A 203 -16.98 17.58 -1.62
C SER A 203 -17.63 17.92 -2.96
N TRP A 204 -16.82 18.31 -3.94
CA TRP A 204 -17.35 18.63 -5.26
C TRP A 204 -18.13 17.43 -5.82
N LEU A 205 -17.54 16.24 -5.76
CA LEU A 205 -18.21 15.05 -6.26
C LEU A 205 -19.32 14.60 -5.33
N PHE A 206 -19.00 14.58 -4.04
CA PHE A 206 -19.92 13.97 -3.09
C PHE A 206 -21.23 14.72 -3.05
N SER A 207 -21.17 16.03 -3.14
CA SER A 207 -22.38 16.85 -3.04
C SER A 207 -23.32 16.60 -4.20
N ARG A 208 -22.75 16.43 -5.39
CA ARG A 208 -23.56 16.18 -6.57
C ARG A 208 -24.25 14.82 -6.49
N ALA A 209 -23.54 13.83 -5.96
CA ALA A 209 -24.16 12.53 -5.71
C ALA A 209 -25.24 12.65 -4.64
N LEU A 210 -24.94 13.39 -3.59
CA LEU A 210 -25.82 13.53 -2.43
C LEU A 210 -27.19 14.09 -2.83
N VAL A 211 -27.19 15.17 -3.60
CA VAL A 211 -28.47 15.81 -3.94
C VAL A 211 -29.31 15.01 -4.94
N SER A 212 -28.68 14.08 -5.65
CA SER A 212 -29.39 13.19 -6.57
C SER A 212 -29.92 11.99 -5.80
N LYS A 213 -29.04 11.31 -5.09
CA LYS A 213 -29.42 10.05 -4.48
C LYS A 213 -30.27 10.25 -3.23
N CYS A 214 -30.17 11.43 -2.64
CA CYS A 214 -30.93 11.74 -1.42
C CYS A 214 -31.81 12.98 -1.56
N ARG A 215 -32.36 13.20 -2.75
CA ARG A 215 -33.20 14.37 -3.01
C ARG A 215 -34.30 14.55 -1.97
N ASP A 216 -34.97 13.45 -1.58
CA ASP A 216 -36.08 13.55 -0.65
C ASP A 216 -35.65 14.04 0.73
N ALA A 217 -34.38 13.83 1.07
CA ALA A 217 -33.89 14.30 2.38
C ALA A 217 -33.92 15.82 2.49
N PHE A 218 -33.97 16.52 1.37
CA PHE A 218 -33.93 17.97 1.39
C PHE A 218 -35.31 18.61 1.29
N GLU A 219 -36.33 17.78 1.11
CA GLU A 219 -37.70 18.26 0.97
C GLU A 219 -38.15 18.97 2.25
N GLY A 220 -38.76 20.13 2.07
CA GLY A 220 -39.37 20.85 3.18
C GLY A 220 -38.43 21.69 4.01
N LEU A 221 -37.13 21.60 3.76
CA LEU A 221 -36.15 22.39 4.51
C LEU A 221 -36.14 23.84 4.05
N SER A 222 -35.96 24.75 5.00
N SER A 222 -35.99 24.76 4.99
CA SER A 222 -35.84 26.18 4.69
CA SER A 222 -35.82 26.18 4.66
C SER A 222 -34.46 26.71 5.09
C SER A 222 -34.41 26.67 4.98
N SER A 223 -33.67 25.88 5.76
CA SER A 223 -32.32 26.27 6.18
C SER A 223 -31.50 25.04 6.52
N LEU A 224 -30.19 25.17 6.38
CA LEU A 224 -29.27 24.08 6.67
C LEU A 224 -27.97 24.70 7.09
N VAL A 225 -27.35 24.15 8.13
CA VAL A 225 -26.01 24.57 8.53
C VAL A 225 -25.03 23.43 8.26
N ASP A 226 -23.95 23.75 7.55
CA ASP A 226 -22.99 22.76 7.04
C ASP A 226 -21.77 22.91 7.96
N VAL A 227 -21.74 22.09 9.00
CA VAL A 227 -20.77 22.27 10.09
C VAL A 227 -19.46 21.63 9.68
N GLY A 228 -18.42 22.45 9.53
CA GLY A 228 -17.19 21.95 8.93
C GLY A 228 -17.22 21.98 7.41
N GLY A 229 -18.06 22.84 6.85
CA GLY A 229 -18.27 22.88 5.42
C GLY A 229 -17.17 23.53 4.57
N GLY A 230 -16.11 23.98 5.21
CA GLY A 230 -14.91 24.40 4.49
C GLY A 230 -15.18 25.54 3.51
N THR A 231 -14.75 25.36 2.27
CA THR A 231 -14.92 26.39 1.25
C THR A 231 -16.20 26.25 0.44
N GLY A 232 -17.16 25.51 0.99
CA GLY A 232 -18.55 25.56 0.51
C GLY A 232 -18.97 24.70 -0.66
N ASN A 233 -18.14 23.73 -1.05
CA ASN A 233 -18.50 22.90 -2.20
C ASN A 233 -19.78 22.09 -1.97
N THR A 234 -20.01 21.65 -0.74
CA THR A 234 -21.25 20.90 -0.45
C THR A 234 -22.45 21.85 -0.42
N SER A 235 -22.33 22.94 0.33
CA SER A 235 -23.47 23.84 0.46
C SER A 235 -23.83 24.54 -0.84
N LYS A 236 -22.84 24.82 -1.69
CA LYS A 236 -23.13 25.49 -2.96
C LYS A 236 -24.08 24.64 -3.79
N VAL A 237 -23.80 23.35 -3.86
CA VAL A 237 -24.62 22.41 -4.62
C VAL A 237 -26.01 22.24 -4.01
N ILE A 238 -26.07 22.17 -2.68
CA ILE A 238 -27.37 22.14 -2.00
C ILE A 238 -28.17 23.41 -2.31
N ALA A 239 -27.54 24.57 -2.16
CA ALA A 239 -28.23 25.85 -2.37
C ALA A 239 -28.79 25.98 -3.79
N GLU A 240 -28.02 25.54 -4.77
CA GLU A 240 -28.44 25.64 -6.17
C GLU A 240 -29.58 24.69 -6.47
N THR A 241 -29.52 23.51 -5.86
CA THR A 241 -30.46 22.45 -6.20
C THR A 241 -31.78 22.63 -5.44
N PHE A 242 -31.71 23.27 -4.29
CA PHE A 242 -32.88 23.45 -3.44
C PHE A 242 -33.03 24.92 -3.06
N PRO A 243 -33.71 25.70 -3.91
CA PRO A 243 -33.74 27.17 -3.79
C PRO A 243 -34.38 27.68 -2.51
N ASN A 244 -35.12 26.85 -1.80
CA ASN A 244 -35.73 27.29 -0.56
C ASN A 244 -34.79 27.20 0.63
N ILE A 245 -33.66 26.54 0.44
CA ILE A 245 -32.77 26.30 1.57
C ILE A 245 -31.68 27.35 1.68
N HIS A 246 -31.75 28.15 2.74
CA HIS A 246 -30.67 29.06 3.09
C HIS A 246 -29.56 28.24 3.74
N CYS A 247 -28.40 28.19 3.09
CA CYS A 247 -27.29 27.39 3.57
C CYS A 247 -26.24 28.24 4.26
N THR A 248 -25.83 27.83 5.45
CA THR A 248 -24.76 28.51 6.18
C THR A 248 -23.65 27.52 6.44
N VAL A 249 -22.44 27.82 5.96
CA VAL A 249 -21.27 27.04 6.31
C VAL A 249 -20.71 27.58 7.62
N PHE A 250 -20.47 26.69 8.58
CA PHE A 250 -19.92 27.08 9.88
C PHE A 250 -18.57 26.39 10.03
N ASP A 251 -17.49 27.17 10.08
CA ASP A 251 -16.15 26.59 10.15
C ASP A 251 -15.18 27.58 10.81
N LEU A 252 -13.93 27.18 10.98
CA LEU A 252 -12.96 28.05 11.64
C LEU A 252 -12.70 29.32 10.83
N PRO A 253 -12.41 30.43 11.52
CA PRO A 253 -12.22 31.72 10.83
C PRO A 253 -11.24 31.65 9.66
N HIS A 254 -10.11 30.96 9.84
CA HIS A 254 -9.08 30.98 8.81
C HIS A 254 -9.51 30.17 7.59
N VAL A 255 -10.42 29.23 7.80
CA VAL A 255 -10.93 28.39 6.73
C VAL A 255 -11.85 29.18 5.81
N VAL A 256 -12.59 30.13 6.38
CA VAL A 256 -13.63 30.84 5.62
C VAL A 256 -13.28 32.29 5.33
N SER A 257 -12.00 32.62 5.40
CA SER A 257 -11.58 33.98 5.10
C SER A 257 -11.07 34.17 3.67
N GLY A 258 -10.93 33.08 2.92
CA GLY A 258 -10.37 33.18 1.58
C GLY A 258 -11.39 32.86 0.51
N PRO A 259 -10.91 32.63 -0.72
CA PRO A 259 -11.83 32.28 -1.80
C PRO A 259 -12.63 31.03 -1.46
N LYS A 260 -13.91 31.05 -1.80
CA LYS A 260 -14.81 29.97 -1.45
C LYS A 260 -16.04 30.09 -2.34
N GLN A 261 -16.86 29.05 -2.38
CA GLN A 261 -18.06 29.10 -3.20
C GLN A 261 -19.00 30.22 -2.75
N THR A 262 -19.62 30.90 -3.71
CA THR A 262 -20.56 31.95 -3.36
C THR A 262 -21.91 31.75 -4.05
N HIS A 263 -22.96 32.22 -3.39
CA HIS A 263 -24.32 32.09 -3.87
C HIS A 263 -25.20 32.99 -3.00
N PRO A 264 -26.28 33.54 -3.56
CA PRO A 264 -27.09 34.47 -2.77
C PRO A 264 -27.76 33.83 -1.55
N ASN A 265 -27.93 32.51 -1.55
CA ASN A 265 -28.52 31.84 -0.40
C ASN A 265 -27.48 31.01 0.35
N LEU A 266 -26.20 31.36 0.16
CA LEU A 266 -25.10 30.69 0.84
C LEU A 266 -24.31 31.73 1.60
N ASP A 267 -24.09 31.50 2.88
CA ASP A 267 -23.14 32.37 3.56
C ASP A 267 -22.29 31.61 4.54
N TYR A 268 -21.33 32.33 5.11
CA TYR A 268 -20.34 31.71 5.97
C TYR A 268 -20.34 32.35 7.35
N GLU A 269 -20.27 31.50 8.37
CA GLU A 269 -20.09 31.95 9.74
CA GLU A 269 -20.08 31.97 9.74
C GLU A 269 -18.90 31.24 10.35
N SER A 270 -18.15 31.93 11.20
CA SER A 270 -16.96 31.32 11.78
C SER A 270 -17.11 30.98 13.26
N GLY A 271 -16.46 29.88 13.64
CA GLY A 271 -16.45 29.46 15.03
C GLY A 271 -15.92 28.05 15.20
N ASN A 272 -15.87 27.62 16.45
CA ASN A 272 -15.40 26.29 16.80
C ASN A 272 -16.62 25.47 17.19
N MET A 273 -16.86 24.38 16.47
CA MET A 273 -18.10 23.60 16.67
C MET A 273 -18.20 22.99 18.05
N PHE A 274 -17.05 22.80 18.69
CA PHE A 274 -17.05 22.21 20.03
C PHE A 274 -17.40 23.22 21.11
N THR A 275 -16.99 24.47 20.94
CA THR A 275 -17.09 25.45 22.03
C THR A 275 -18.00 26.64 21.72
N ASP A 276 -18.34 26.82 20.45
CA ASP A 276 -19.21 27.91 20.05
C ASP A 276 -20.57 27.35 19.63
N GLU A 277 -21.62 28.15 19.80
CA GLU A 277 -22.95 27.69 19.43
C GLU A 277 -23.07 27.52 17.93
N ILE A 278 -23.51 26.33 17.51
CA ILE A 278 -23.74 26.05 16.09
C ILE A 278 -24.97 26.84 15.63
N PRO A 279 -24.86 27.51 14.47
CA PRO A 279 -25.99 28.27 13.92
C PRO A 279 -27.27 27.43 13.87
N HIS A 280 -28.41 28.08 14.09
CA HIS A 280 -29.70 27.42 14.05
C HIS A 280 -30.15 27.22 12.61
N ALA A 281 -30.75 26.07 12.34
CA ALA A 281 -31.26 25.73 11.01
C ALA A 281 -32.23 24.56 11.11
N ASP A 282 -32.96 24.31 10.03
CA ASP A 282 -33.86 23.17 9.96
C ASP A 282 -33.09 21.86 9.94
N ALA A 283 -31.86 21.92 9.45
CA ALA A 283 -31.03 20.74 9.35
C ALA A 283 -29.60 21.09 9.72
N VAL A 284 -28.97 20.21 10.49
CA VAL A 284 -27.56 20.35 10.80
C VAL A 284 -26.83 19.23 10.07
N LEU A 285 -25.92 19.61 9.18
CA LEU A 285 -25.20 18.66 8.33
C LEU A 285 -23.74 18.52 8.77
N PHE A 286 -23.30 17.29 8.95
CA PHE A 286 -21.89 17.01 9.18
C PHE A 286 -21.42 16.08 8.09
N LYS A 287 -20.63 16.60 7.15
CA LYS A 287 -20.08 15.79 6.06
C LYS A 287 -18.60 15.48 6.30
N TRP A 288 -18.32 14.21 6.57
CA TRP A 288 -16.96 13.75 6.82
C TRP A 288 -16.27 14.54 7.93
N VAL A 289 -17.03 14.86 8.98
CA VAL A 289 -16.54 15.60 10.13
C VAL A 289 -16.55 14.76 11.41
N LEU A 290 -17.66 14.09 11.70
CA LEU A 290 -17.77 13.38 12.97
C LEU A 290 -16.79 12.20 13.04
N CYS A 291 -16.43 11.66 11.88
CA CYS A 291 -15.43 10.60 11.81
C CYS A 291 -14.06 11.05 12.32
N ASP A 292 -13.84 12.35 12.45
CA ASP A 292 -12.54 12.84 12.92
C ASP A 292 -12.38 12.82 14.44
N TRP A 293 -13.47 12.52 15.16
CA TRP A 293 -13.53 12.79 16.60
C TRP A 293 -14.09 11.62 17.37
N PRO A 294 -13.69 11.50 18.66
CA PRO A 294 -14.15 10.37 19.48
C PRO A 294 -15.52 10.61 20.08
N ASP A 295 -16.06 9.57 20.72
CA ASP A 295 -17.45 9.60 21.13
C ASP A 295 -17.81 10.71 22.11
N GLU A 296 -16.92 11.01 23.05
CA GLU A 296 -17.24 11.98 24.10
C GLU A 296 -17.57 13.39 23.55
N PRO A 297 -16.67 13.98 22.74
CA PRO A 297 -17.05 15.28 22.19
C PRO A 297 -18.15 15.19 21.14
N VAL A 298 -18.23 14.08 20.42
CA VAL A 298 -19.29 13.96 19.41
C VAL A 298 -20.65 13.90 20.11
N LEU A 299 -20.76 13.10 21.16
CA LEU A 299 -22.02 12.99 21.91
C LEU A 299 -22.46 14.34 22.46
N LYS A 300 -21.53 15.05 23.07
CA LYS A 300 -21.81 16.35 23.64
C LYS A 300 -22.40 17.28 22.59
N MET A 301 -21.77 17.27 21.42
CA MET A 301 -22.20 18.11 20.31
C MET A 301 -23.56 17.67 19.77
N LEU A 302 -23.77 16.36 19.68
CA LEU A 302 -25.06 15.85 19.23
C LEU A 302 -26.19 16.19 20.18
N LYS A 303 -25.90 16.18 21.48
CA LYS A 303 -26.90 16.59 22.47
C LYS A 303 -27.27 18.06 22.28
N GLN A 304 -26.27 18.87 21.96
CA GLN A 304 -26.53 20.28 21.72
C GLN A 304 -27.42 20.45 20.50
N CYS A 305 -27.18 19.62 19.49
CA CYS A 305 -27.98 19.65 18.27
C CYS A 305 -29.40 19.19 18.55
N LYS A 306 -29.54 18.12 19.34
CA LYS A 306 -30.88 17.63 19.67
C LYS A 306 -31.70 18.72 20.33
N LYS A 307 -31.09 19.45 21.27
CA LYS A 307 -31.76 20.53 21.95
C LYS A 307 -32.16 21.65 20.99
N ALA A 308 -31.26 21.99 20.07
CA ALA A 308 -31.51 23.06 19.11
C ALA A 308 -32.62 22.69 18.12
N LEU A 309 -32.61 21.43 17.69
CA LEU A 309 -33.53 20.96 16.66
C LEU A 309 -34.94 20.68 17.21
N THR A 310 -35.12 20.93 18.49
CA THR A 310 -36.44 20.79 19.13
C THR A 310 -36.84 22.05 19.87
N LYS A 311 -36.16 23.16 19.58
CA LYS A 311 -36.46 24.44 20.24
C LYS A 311 -37.85 24.95 19.86
N LYS A 315 -39.95 20.48 14.29
CA LYS A 315 -38.69 19.83 14.60
C LYS A 315 -37.77 19.78 13.38
N GLY A 316 -36.49 19.99 13.60
CA GLY A 316 -35.51 19.87 12.54
C GLY A 316 -34.92 18.48 12.51
N LYS A 317 -33.81 18.31 11.79
CA LYS A 317 -33.15 17.01 11.79
C LYS A 317 -31.65 17.11 11.62
N LEU A 318 -30.99 16.03 11.98
CA LEU A 318 -29.56 15.93 11.85
C LEU A 318 -29.25 15.16 10.57
N MET A 319 -28.25 15.63 9.82
CA MET A 319 -27.83 14.92 8.62
C MET A 319 -26.34 14.61 8.70
N ILE A 320 -26.00 13.33 8.69
CA ILE A 320 -24.60 12.93 8.79
C ILE A 320 -24.21 12.23 7.49
N ALA A 321 -23.28 12.82 6.76
CA ALA A 321 -22.82 12.25 5.50
C ALA A 321 -21.45 11.68 5.78
N ASP A 322 -21.37 10.37 5.99
CA ASP A 322 -20.15 9.80 6.52
C ASP A 322 -20.19 8.28 6.31
N HIS A 323 -19.21 7.58 6.85
CA HIS A 323 -19.16 6.12 6.76
C HIS A 323 -20.02 5.44 7.78
N VAL A 324 -20.78 4.44 7.31
CA VAL A 324 -21.36 3.41 8.15
C VAL A 324 -20.61 2.18 7.69
N LEU A 325 -19.64 1.74 8.52
CA LEU A 325 -18.64 0.76 8.10
C LEU A 325 -19.24 -0.51 7.54
N ASP A 326 -20.31 -0.97 8.16
CA ASP A 326 -20.94 -2.24 7.81
C ASP A 326 -22.16 -2.09 6.89
N HIS A 327 -22.31 -0.93 6.27
CA HIS A 327 -23.40 -0.78 5.31
C HIS A 327 -23.22 -1.64 4.06
N GLU A 328 -24.33 -2.16 3.53
CA GLU A 328 -24.27 -3.04 2.35
C GLU A 328 -23.52 -2.41 1.17
N SER A 329 -23.59 -1.09 1.04
CA SER A 329 -23.03 -0.41 -0.12
C SER A 329 -21.50 -0.40 -0.10
N CYS A 330 -20.91 -0.72 1.04
CA CYS A 330 -19.46 -0.78 1.12
C CYS A 330 -18.96 -2.09 1.70
N ASN A 331 -19.80 -3.12 1.57
CA ASN A 331 -19.55 -4.46 2.12
C ASN A 331 -18.66 -5.38 1.29
N ASP A 332 -18.45 -5.04 0.02
CA ASP A 332 -17.57 -5.87 -0.82
C ASP A 332 -16.14 -5.82 -0.30
N SER A 333 -15.37 -6.85 -0.59
CA SER A 333 -14.01 -6.96 -0.05
CA SER A 333 -14.01 -6.97 -0.07
C SER A 333 -13.13 -5.76 -0.37
N ASN A 334 -13.20 -5.25 -1.61
CA ASN A 334 -12.42 -4.08 -1.98
C ASN A 334 -12.80 -2.85 -1.17
N SER A 335 -14.10 -2.59 -1.07
CA SER A 335 -14.59 -1.43 -0.33
C SER A 335 -14.25 -1.56 1.15
N MET A 336 -14.42 -2.76 1.70
CA MET A 336 -14.13 -2.94 3.12
C MET A 336 -12.65 -2.74 3.38
N GLY A 337 -11.81 -3.25 2.49
CA GLY A 337 -10.38 -3.04 2.60
C GLY A 337 -10.01 -1.57 2.67
N THR A 338 -10.60 -0.78 1.79
CA THR A 338 -10.32 0.65 1.78
C THR A 338 -10.90 1.34 3.03
N SER A 339 -12.08 0.91 3.48
CA SER A 339 -12.65 1.51 4.69
C SER A 339 -11.74 1.27 5.89
N LEU A 340 -11.21 0.05 5.98
CA LEU A 340 -10.35 -0.29 7.12
C LEU A 340 -9.00 0.44 7.05
N ILE A 341 -8.49 0.62 5.84
CA ILE A 341 -7.31 1.45 5.64
C ILE A 341 -7.57 2.88 6.10
N LEU A 342 -8.74 3.44 5.77
CA LEU A 342 -9.09 4.76 6.30
C LEU A 342 -9.21 4.74 7.81
N ASP A 343 -9.81 3.68 8.35
CA ASP A 343 -9.92 3.60 9.80
C ASP A 343 -8.53 3.64 10.47
N MET A 344 -7.55 3.00 9.85
CA MET A 344 -6.17 3.04 10.32
C MET A 344 -5.54 4.43 10.15
N LEU A 345 -5.74 5.03 8.97
CA LEU A 345 -5.25 6.38 8.73
C LEU A 345 -5.79 7.32 9.82
N PHE A 346 -7.09 7.27 10.06
CA PHE A 346 -7.72 8.17 11.01
C PHE A 346 -7.21 7.88 12.43
N MET A 347 -7.00 6.61 12.74
CA MET A 347 -6.46 6.25 14.06
C MET A 347 -5.11 6.90 14.27
N SER A 348 -4.30 6.96 13.21
CA SER A 348 -2.95 7.49 13.33
C SER A 348 -2.87 9.01 13.48
N PHE A 349 -3.70 9.76 12.76
CA PHE A 349 -3.51 11.21 12.73
C PHE A 349 -4.72 12.05 13.14
N LEU A 350 -5.88 11.43 13.27
CA LEU A 350 -7.06 12.14 13.74
C LEU A 350 -7.43 11.58 15.10
N GLU A 351 -8.64 11.85 15.58
CA GLU A 351 -9.07 11.32 16.88
C GLU A 351 -10.37 10.53 16.73
N GLY A 352 -10.64 10.09 15.50
CA GLY A 352 -11.86 9.38 15.20
C GLY A 352 -11.65 8.04 14.53
N SER A 353 -12.68 7.59 13.82
CA SER A 353 -12.75 6.22 13.35
C SER A 353 -13.89 6.14 12.37
N LEU A 354 -14.02 5.03 11.67
CA LEU A 354 -15.20 4.76 10.85
C LEU A 354 -16.13 3.91 11.69
N ARG A 355 -17.29 4.49 12.04
CA ARG A 355 -18.21 3.84 12.94
C ARG A 355 -19.13 2.84 12.24
N THR A 356 -19.45 1.76 12.96
CA THR A 356 -20.44 0.82 12.50
C THR A 356 -21.84 1.37 12.79
N GLU A 357 -22.86 0.74 12.21
CA GLU A 357 -24.23 1.13 12.52
C GLU A 357 -24.52 1.05 14.02
N LYS A 358 -24.03 -0.02 14.67
CA LYS A 358 -24.18 -0.18 16.11
CA LYS A 358 -24.18 -0.18 16.12
C LYS A 358 -23.63 1.03 16.88
N GLN A 359 -22.45 1.49 16.50
CA GLN A 359 -21.83 2.63 17.17
C GLN A 359 -22.59 3.92 16.94
N TRP A 360 -23.05 4.13 15.72
CA TRP A 360 -23.87 5.30 15.41
C TRP A 360 -25.18 5.28 16.20
N ALA A 361 -25.89 4.15 16.14
CA ALA A 361 -27.18 4.02 16.81
C ALA A 361 -27.09 4.31 18.32
N LYS A 362 -25.99 3.89 18.92
CA LYS A 362 -25.75 4.11 20.34
C LYS A 362 -25.61 5.59 20.63
N LEU A 363 -24.86 6.29 19.78
CA LEU A 363 -24.70 7.73 19.92
C LEU A 363 -26.04 8.44 19.79
N PHE A 364 -26.84 8.05 18.81
CA PHE A 364 -28.12 8.72 18.59
C PHE A 364 -29.06 8.53 19.77
N ALA A 365 -29.08 7.32 20.31
CA ALA A 365 -29.92 7.03 21.47
C ALA A 365 -29.48 7.86 22.67
N GLU A 366 -28.19 7.91 22.92
CA GLU A 366 -27.67 8.63 24.08
C GLU A 366 -27.86 10.14 23.94
N ALA A 367 -27.90 10.63 22.71
CA ALA A 367 -28.09 12.06 22.45
C ALA A 367 -29.57 12.43 22.51
N GLY A 368 -30.42 11.43 22.57
CA GLY A 368 -31.85 11.66 22.74
C GLY A 368 -32.67 11.69 21.45
N PHE A 369 -32.07 11.26 20.34
CA PHE A 369 -32.82 11.18 19.09
C PHE A 369 -33.74 9.95 19.08
N LYS A 370 -34.73 9.93 18.18
CA LYS A 370 -35.77 8.92 18.26
C LYS A 370 -35.87 7.99 17.04
N ASP A 371 -35.18 8.33 15.96
CA ASP A 371 -35.35 7.58 14.71
C ASP A 371 -34.20 7.94 13.77
N TYR A 372 -33.93 7.07 12.80
CA TYR A 372 -32.96 7.42 11.76
C TYR A 372 -33.25 6.69 10.46
N LYS A 373 -32.63 7.17 9.38
CA LYS A 373 -32.75 6.53 8.07
C LYS A 373 -31.42 6.64 7.36
N ILE A 374 -30.95 5.54 6.82
CA ILE A 374 -29.69 5.50 6.08
C ILE A 374 -29.94 5.31 4.59
N THR A 375 -29.38 6.22 3.79
CA THR A 375 -29.50 6.14 2.33
C THR A 375 -28.11 6.18 1.73
N PRO A 376 -27.78 5.22 0.85
CA PRO A 376 -26.42 5.20 0.32
C PRO A 376 -26.19 6.35 -0.66
N VAL A 377 -24.97 6.86 -0.68
CA VAL A 377 -24.61 7.93 -1.60
C VAL A 377 -23.53 7.42 -2.55
N GLY A 378 -22.38 7.07 -1.98
CA GLY A 378 -21.27 6.55 -2.78
C GLY A 378 -19.96 6.91 -2.11
N GLY A 379 -18.85 6.49 -2.73
CA GLY A 379 -17.54 6.79 -2.19
C GLY A 379 -17.35 6.28 -0.78
N LEU A 380 -17.88 5.08 -0.53
CA LEU A 380 -17.85 4.39 0.77
C LEU A 380 -18.77 5.00 1.82
N ARG A 381 -19.58 5.99 1.46
CA ARG A 381 -20.34 6.76 2.43
C ARG A 381 -21.84 6.79 2.16
N VAL A 382 -22.57 7.16 3.20
CA VAL A 382 -24.01 7.21 3.16
C VAL A 382 -24.50 8.50 3.78
N LEU A 383 -25.79 8.74 3.66
CA LEU A 383 -26.44 9.79 4.43
C LEU A 383 -27.23 9.16 5.56
N ILE A 384 -26.99 9.63 6.77
CA ILE A 384 -27.85 9.25 7.88
C ILE A 384 -28.71 10.45 8.24
N GLU A 385 -30.02 10.29 8.15
CA GLU A 385 -30.92 11.31 8.67
C GLU A 385 -31.29 10.87 10.07
N VAL A 386 -31.20 11.79 11.03
CA VAL A 386 -31.47 11.45 12.41
C VAL A 386 -32.52 12.40 12.94
N TYR A 387 -33.60 11.83 13.46
CA TYR A 387 -34.76 12.62 13.84
C TYR A 387 -34.96 12.67 15.34
N PRO A 388 -35.18 13.88 15.88
CA PRO A 388 -35.49 14.01 17.31
C PRO A 388 -36.94 13.59 17.60
N GLY B 13 -5.88 30.73 -7.06
CA GLY B 13 -6.50 30.46 -5.77
C GLY B 13 -8.00 30.73 -5.77
N LEU B 14 -8.48 31.43 -6.79
CA LEU B 14 -9.91 31.71 -6.92
C LEU B 14 -10.68 30.45 -7.29
N VAL B 15 -11.96 30.44 -6.95
CA VAL B 15 -12.83 29.30 -7.23
C VAL B 15 -12.99 29.05 -8.73
N PRO B 16 -12.80 27.79 -9.15
CA PRO B 16 -12.98 27.35 -10.55
C PRO B 16 -14.33 27.76 -11.11
N HIS B 20 -20.04 21.84 -15.64
CA HIS B 20 -21.26 21.05 -15.62
C HIS B 20 -20.97 19.56 -15.66
N MET B 21 -21.76 18.79 -14.92
CA MET B 21 -21.62 17.35 -14.89
C MET B 21 -22.94 16.76 -14.42
N ASP B 22 -23.43 15.74 -15.11
CA ASP B 22 -24.70 15.16 -14.70
C ASP B 22 -24.48 14.26 -13.48
N ALA B 23 -25.57 14.01 -12.76
CA ALA B 23 -25.52 13.23 -11.54
C ALA B 23 -24.90 11.85 -11.73
N ALA B 24 -25.25 11.18 -12.82
CA ALA B 24 -24.75 9.83 -13.08
C ALA B 24 -23.22 9.80 -13.15
N THR B 25 -22.64 10.79 -13.84
CA THR B 25 -21.19 10.88 -13.95
C THR B 25 -20.55 11.20 -12.60
N ALA B 26 -21.17 12.10 -11.83
CA ALA B 26 -20.65 12.45 -10.51
C ALA B 26 -20.59 11.23 -9.60
N VAL B 27 -21.65 10.42 -9.62
CA VAL B 27 -21.70 9.23 -8.79
C VAL B 27 -20.64 8.21 -9.22
N GLU B 28 -20.51 8.00 -10.52
CA GLU B 28 -19.48 7.12 -11.07
C GLU B 28 -18.07 7.53 -10.59
N LEU B 29 -17.76 8.82 -10.70
CA LEU B 29 -16.46 9.31 -10.27
C LEU B 29 -16.29 9.21 -8.75
N LEU B 30 -17.34 9.53 -8.02
CA LEU B 30 -17.31 9.39 -6.56
C LEU B 30 -16.95 7.98 -6.15
N ASP B 31 -17.53 7.01 -6.85
CA ASP B 31 -17.34 5.58 -6.55
C ASP B 31 -16.01 5.07 -7.06
N ALA B 32 -15.37 5.85 -7.94
CA ALA B 32 -14.04 5.51 -8.42
C ALA B 32 -12.95 6.00 -7.47
N GLN B 33 -13.24 7.06 -6.72
CA GLN B 33 -12.24 7.63 -5.82
C GLN B 33 -11.61 6.64 -4.85
N PRO B 34 -12.43 5.75 -4.24
CA PRO B 34 -11.76 4.88 -3.26
C PRO B 34 -10.67 3.97 -3.83
N GLN B 35 -10.71 3.66 -5.12
CA GLN B 35 -9.64 2.89 -5.74
C GLN B 35 -8.33 3.67 -5.64
N VAL B 36 -8.44 4.99 -5.83
CA VAL B 36 -7.27 5.86 -5.78
C VAL B 36 -6.76 5.98 -4.33
N TRP B 37 -7.69 6.22 -3.40
CA TRP B 37 -7.35 6.23 -1.98
C TRP B 37 -6.63 4.95 -1.60
N HIS B 38 -7.12 3.82 -2.09
CA HIS B 38 -6.53 2.53 -1.70
C HIS B 38 -5.09 2.45 -2.18
N HIS B 39 -4.84 2.94 -3.39
CA HIS B 39 -3.48 2.99 -3.93
C HIS B 39 -2.59 3.90 -3.09
N PHE B 40 -3.00 5.17 -2.90
CA PHE B 40 -2.09 6.06 -2.19
C PHE B 40 -1.93 5.76 -0.70
N LEU B 41 -2.90 5.08 -0.11
CA LEU B 41 -2.74 4.63 1.27
C LEU B 41 -2.14 3.23 1.38
N GLY B 42 -1.50 2.76 0.30
CA GLY B 42 -0.91 1.42 0.31
C GLY B 42 0.09 1.21 1.45
N TYR B 43 0.78 2.29 1.82
CA TYR B 43 1.75 2.22 2.91
C TYR B 43 1.12 1.84 4.24
N ILE B 44 -0.20 2.04 4.38
CA ILE B 44 -0.90 1.65 5.61
C ILE B 44 -0.84 0.13 5.79
N ASN B 45 -0.93 -0.61 4.68
CA ASN B 45 -0.76 -2.07 4.75
C ASN B 45 0.64 -2.39 5.25
N SER B 46 1.64 -1.70 4.71
CA SER B 46 3.03 -1.94 5.10
C SER B 46 3.22 -1.71 6.59
N MET B 47 2.67 -0.59 7.06
CA MET B 47 2.89 -0.16 8.44
C MET B 47 2.08 -0.95 9.47
N THR B 48 0.86 -1.34 9.12
CA THR B 48 0.07 -2.18 10.01
C THR B 48 0.68 -3.57 10.16
N LEU B 49 1.14 -4.14 9.05
CA LEU B 49 1.82 -5.42 9.13
C LEU B 49 3.09 -5.29 9.98
N GLN B 50 3.87 -4.23 9.76
CA GLN B 50 5.07 -4.04 10.58
C GLN B 50 4.73 -3.96 12.06
N CYS B 51 3.68 -3.22 12.40
N CYS B 51 3.66 -3.24 12.39
CA CYS B 51 3.25 -3.16 13.80
CA CYS B 51 3.21 -3.11 13.76
C CYS B 51 2.96 -4.54 14.35
C CYS B 51 2.85 -4.47 14.37
N ALA B 52 2.22 -5.34 13.57
CA ALA B 52 1.86 -6.68 14.00
C ALA B 52 3.10 -7.49 14.32
N LEU B 53 4.16 -7.27 13.55
CA LEU B 53 5.42 -7.97 13.79
C LEU B 53 6.15 -7.42 15.02
N GLU B 54 6.24 -6.09 15.13
CA GLU B 54 6.87 -5.46 16.30
C GLU B 54 6.24 -5.91 17.61
N LEU B 55 4.93 -6.08 17.57
CA LEU B 55 4.18 -6.45 18.77
C LEU B 55 4.15 -7.97 18.99
N ASP B 56 4.68 -8.73 18.04
CA ASP B 56 4.68 -10.20 18.11
C ASP B 56 3.27 -10.76 18.24
N ILE B 57 2.31 -10.15 17.56
CA ILE B 57 0.91 -10.53 17.72
C ILE B 57 0.66 -12.01 17.41
N ALA B 58 1.15 -12.48 16.27
CA ALA B 58 0.91 -13.86 15.88
C ALA B 58 1.45 -14.83 16.92
N ASP B 59 2.65 -14.56 17.43
CA ASP B 59 3.32 -15.43 18.39
C ASP B 59 2.60 -15.45 19.73
N VAL B 60 2.06 -14.30 20.12
CA VAL B 60 1.35 -14.17 21.39
C VAL B 60 0.02 -14.92 21.29
N ILE B 61 -0.63 -14.83 20.14
CA ILE B 61 -1.86 -15.57 19.93
C ILE B 61 -1.60 -17.07 19.90
N HIS B 62 -0.60 -17.48 19.11
CA HIS B 62 -0.23 -18.89 19.02
C HIS B 62 0.10 -19.46 20.41
N ARG B 63 0.82 -18.69 21.21
CA ARG B 63 1.23 -19.13 22.54
C ARG B 63 0.01 -19.35 23.44
N HIS B 64 -1.02 -18.52 23.27
CA HIS B 64 -2.24 -18.65 24.10
C HIS B 64 -2.87 -20.03 23.92
N GLY B 65 -2.79 -20.55 22.68
CA GLY B 65 -3.15 -21.93 22.40
C GLY B 65 -4.58 -22.14 21.95
N HIS B 66 -5.37 -21.08 22.02
CA HIS B 66 -6.78 -21.10 21.62
C HIS B 66 -7.18 -19.62 21.51
N PRO B 67 -8.40 -19.32 21.02
CA PRO B 67 -8.70 -17.91 20.81
C PRO B 67 -8.51 -17.04 22.04
N ILE B 68 -7.91 -15.87 21.85
CA ILE B 68 -7.52 -15.00 22.96
C ILE B 68 -8.40 -13.75 23.00
N PRO B 69 -9.04 -13.52 24.15
CA PRO B 69 -9.89 -12.32 24.26
C PRO B 69 -9.07 -11.03 24.18
N LEU B 70 -9.68 -9.98 23.63
CA LEU B 70 -9.01 -8.70 23.43
C LEU B 70 -8.29 -8.17 24.66
N ASN B 71 -8.93 -8.25 25.83
CA ASN B 71 -8.29 -7.74 27.05
C ASN B 71 -7.02 -8.52 27.41
N GLN B 72 -7.07 -9.84 27.25
CA GLN B 72 -5.90 -10.67 27.52
C GLN B 72 -4.81 -10.45 26.48
N LEU B 73 -5.21 -10.19 25.24
CA LEU B 73 -4.25 -9.88 24.19
C LEU B 73 -3.53 -8.58 24.51
N ALA B 74 -4.29 -7.54 24.86
CA ALA B 74 -3.69 -6.25 25.22
C ALA B 74 -2.72 -6.42 26.39
N ALA B 75 -3.13 -7.15 27.43
CA ALA B 75 -2.28 -7.36 28.59
C ALA B 75 -0.97 -8.03 28.19
N ALA B 76 -1.05 -9.04 27.32
CA ALA B 76 0.14 -9.77 26.91
C ALA B 76 1.05 -8.91 26.05
N LEU B 77 0.47 -7.97 25.32
CA LEU B 77 1.21 -7.06 24.46
C LEU B 77 1.72 -5.81 25.18
N GLU B 78 1.42 -5.71 26.47
CA GLU B 78 1.76 -4.54 27.28
C GLU B 78 1.12 -3.27 26.74
N ILE B 79 -0.08 -3.45 26.16
CA ILE B 79 -0.90 -2.33 25.73
C ILE B 79 -1.92 -2.06 26.83
N PRO B 80 -1.94 -0.82 27.34
CA PRO B 80 -2.86 -0.49 28.44
C PRO B 80 -4.31 -0.66 28.00
N GLN B 81 -5.20 -0.99 28.94
CA GLN B 81 -6.57 -1.27 28.57
C GLN B 81 -7.23 -0.04 27.93
N THR B 82 -6.79 1.16 28.33
CA THR B 82 -7.30 2.38 27.70
C THR B 82 -7.03 2.42 26.19
N LYS B 83 -5.99 1.70 25.76
CA LYS B 83 -5.63 1.64 24.34
C LYS B 83 -6.12 0.36 23.67
N ALA B 84 -6.79 -0.52 24.42
CA ALA B 84 -7.35 -1.72 23.82
C ALA B 84 -8.31 -1.48 22.63
N PRO B 85 -9.12 -0.39 22.66
CA PRO B 85 -9.95 -0.13 21.47
C PRO B 85 -9.12 0.11 20.21
N PHE B 86 -7.92 0.66 20.35
CA PHE B 86 -7.06 0.88 19.19
C PHE B 86 -6.48 -0.44 18.70
N LEU B 87 -6.08 -1.29 19.65
CA LEU B 87 -5.65 -2.65 19.31
C LEU B 87 -6.76 -3.40 18.59
N SER B 88 -8.00 -3.27 19.07
CA SER B 88 -9.13 -3.93 18.42
C SER B 88 -9.22 -3.52 16.94
N ARG B 89 -9.05 -2.23 16.68
CA ARG B 89 -9.11 -1.75 15.31
C ARG B 89 -7.96 -2.24 14.43
N LEU B 90 -6.76 -2.26 15.01
CA LEU B 90 -5.61 -2.83 14.33
C LEU B 90 -5.88 -4.31 14.00
N MET B 91 -6.41 -5.04 14.96
CA MET B 91 -6.75 -6.45 14.73
C MET B 91 -7.77 -6.63 13.61
N ARG B 92 -8.80 -5.78 13.59
CA ARG B 92 -9.81 -5.86 12.55
C ARG B 92 -9.17 -5.68 11.16
N MET B 93 -8.21 -4.77 11.06
N MET B 93 -8.21 -4.76 11.06
CA MET B 93 -7.48 -4.59 9.80
CA MET B 93 -7.44 -4.56 9.83
C MET B 93 -6.71 -5.85 9.45
C MET B 93 -6.70 -5.83 9.45
N LEU B 94 -6.02 -6.43 10.43
CA LEU B 94 -5.19 -7.61 10.18
C LEU B 94 -6.01 -8.86 9.88
N VAL B 95 -7.23 -8.91 10.43
CA VAL B 95 -8.19 -9.95 10.07
C VAL B 95 -8.59 -9.83 8.59
N HIS B 96 -8.90 -8.61 8.17
CA HIS B 96 -9.22 -8.39 6.78
C HIS B 96 -8.05 -8.78 5.85
N LEU B 97 -6.83 -8.47 6.27
CA LEU B 97 -5.66 -8.81 5.45
C LEU B 97 -5.44 -10.32 5.36
N GLY B 98 -6.04 -11.06 6.29
CA GLY B 98 -6.04 -12.52 6.22
C GLY B 98 -5.18 -13.25 7.24
N TYR B 99 -4.63 -12.54 8.21
CA TYR B 99 -3.70 -13.16 9.15
C TYR B 99 -4.38 -13.81 10.35
N PHE B 100 -5.48 -13.21 10.79
CA PHE B 100 -6.15 -13.62 12.02
C PHE B 100 -7.64 -13.72 11.78
N THR B 101 -8.34 -14.35 12.73
CA THR B 101 -9.79 -14.40 12.71
C THR B 101 -10.28 -13.78 14.00
N GLN B 102 -11.52 -13.31 13.99
CA GLN B 102 -12.13 -12.83 15.22
C GLN B 102 -13.55 -13.33 15.38
N VAL B 103 -13.95 -13.55 16.63
CA VAL B 103 -15.28 -14.02 16.97
C VAL B 103 -15.71 -13.33 18.27
N ILE B 104 -17.02 -13.28 18.53
CA ILE B 104 -17.53 -12.69 19.77
C ILE B 104 -18.36 -13.67 20.59
N THR B 105 -17.78 -14.14 21.70
CA THR B 105 -18.39 -15.19 22.51
C THR B 105 -19.19 -14.66 23.71
N LYS B 106 -19.21 -13.35 23.88
CA LYS B 106 -19.98 -12.74 24.97
C LYS B 106 -21.16 -11.95 24.42
N PRO B 107 -22.38 -12.29 24.85
CA PRO B 107 -23.59 -11.60 24.38
C PRO B 107 -23.56 -10.11 24.70
N VAL B 114 -18.38 -4.92 23.42
CA VAL B 114 -17.97 -5.87 22.40
C VAL B 114 -16.55 -6.34 22.61
N LEU B 115 -16.40 -7.57 23.14
CA LEU B 115 -15.08 -8.15 23.30
C LEU B 115 -14.86 -9.29 22.33
N PRO B 116 -14.06 -9.04 21.28
CA PRO B 116 -13.72 -10.13 20.36
C PRO B 116 -12.63 -11.03 20.94
N SER B 117 -12.56 -12.25 20.43
CA SER B 117 -11.44 -13.14 20.70
C SER B 117 -10.79 -13.51 19.38
N TYR B 118 -9.46 -13.58 19.37
CA TYR B 118 -8.73 -13.69 18.13
C TYR B 118 -8.04 -15.02 17.98
N TRP B 119 -7.97 -15.52 16.75
CA TRP B 119 -7.21 -16.74 16.52
C TRP B 119 -6.42 -16.63 15.20
N LEU B 120 -5.68 -17.67 14.85
CA LEU B 120 -4.82 -17.66 13.68
C LEU B 120 -5.53 -18.13 12.42
N ALA B 121 -5.31 -17.42 11.32
CA ALA B 121 -5.73 -17.87 10.00
C ALA B 121 -4.48 -18.40 9.27
N PRO B 122 -4.68 -19.18 8.20
CA PRO B 122 -3.52 -19.86 7.59
C PRO B 122 -2.36 -18.93 7.20
N LEU B 123 -2.66 -17.71 6.78
CA LEU B 123 -1.58 -16.80 6.35
C LEU B 123 -0.63 -16.44 7.49
N SER B 124 -1.11 -16.50 8.73
CA SER B 124 -0.25 -16.22 9.89
C SER B 124 0.91 -17.22 10.05
N ARG B 125 0.86 -18.36 9.35
CA ARG B 125 1.98 -19.29 9.40
C ARG B 125 3.24 -18.59 8.95
N LEU B 126 3.08 -17.62 8.05
CA LEU B 126 4.22 -16.88 7.53
C LEU B 126 4.72 -15.79 8.47
N LEU B 127 4.01 -15.56 9.57
CA LEU B 127 4.43 -14.55 10.56
C LEU B 127 5.10 -15.13 11.80
N LEU B 128 4.98 -16.44 12.01
CA LEU B 128 5.37 -17.01 13.30
C LEU B 128 6.88 -17.20 13.42
N LYS B 129 7.45 -16.63 14.49
CA LYS B 129 8.89 -16.71 14.74
C LYS B 129 9.45 -18.13 14.71
N GLN B 130 8.67 -19.09 15.22
CA GLN B 130 9.10 -20.48 15.28
C GLN B 130 9.22 -21.16 13.92
N ASN B 131 8.63 -20.58 12.87
CA ASN B 131 8.72 -21.19 11.56
C ASN B 131 9.94 -20.67 10.81
N PRO B 132 10.81 -21.58 10.32
CA PRO B 132 12.04 -21.10 9.69
C PRO B 132 11.79 -20.35 8.38
N TYR B 133 10.56 -20.46 7.85
CA TYR B 133 10.17 -19.80 6.61
C TYR B 133 9.38 -18.52 6.85
N ASN B 134 9.38 -18.02 8.08
CA ASN B 134 8.60 -16.81 8.34
C ASN B 134 9.17 -15.62 7.59
N ALA B 135 8.30 -14.63 7.33
CA ALA B 135 8.67 -13.48 6.52
C ALA B 135 9.00 -12.24 7.34
N ARG B 136 9.29 -12.41 8.62
CA ARG B 136 9.48 -11.26 9.51
C ARG B 136 10.66 -10.38 9.06
N SER B 137 11.83 -10.99 8.88
CA SER B 137 13.01 -10.20 8.52
C SER B 137 12.85 -9.50 7.18
N LEU B 138 12.26 -10.19 6.21
CA LEU B 138 12.06 -9.58 4.89
C LEU B 138 11.09 -8.41 5.00
N THR B 139 10.08 -8.53 5.86
CA THR B 139 9.16 -7.43 6.09
C THR B 139 9.88 -6.22 6.67
N PHE B 140 10.65 -6.43 7.74
CA PHE B 140 11.36 -5.33 8.38
C PHE B 140 12.33 -4.66 7.41
N CYS B 141 13.01 -5.48 6.61
CA CYS B 141 13.93 -4.99 5.60
C CYS B 141 13.21 -4.12 4.59
N SER B 142 12.08 -4.63 4.08
CA SER B 142 11.38 -4.00 2.97
C SER B 142 10.72 -2.67 3.31
N VAL B 143 10.30 -2.52 4.57
CA VAL B 143 9.64 -1.27 4.97
C VAL B 143 10.62 -0.32 5.66
N HIS B 144 11.89 -0.70 5.69
CA HIS B 144 12.91 0.09 6.37
C HIS B 144 13.07 1.44 5.67
N GLU B 145 13.43 2.47 6.44
CA GLU B 145 13.72 3.80 5.89
C GLU B 145 14.67 3.76 4.68
N HIS B 146 15.67 2.87 4.74
CA HIS B 146 16.62 2.75 3.65
C HIS B 146 15.97 2.46 2.30
N LEU B 147 14.88 1.70 2.31
CA LEU B 147 14.21 1.32 1.06
C LEU B 147 13.01 2.21 0.73
N VAL B 148 12.35 2.74 1.75
CA VAL B 148 11.19 3.60 1.51
C VAL B 148 11.61 5.01 1.09
N ASP B 149 12.57 5.59 1.82
CA ASP B 149 12.96 6.98 1.64
C ASP B 149 13.40 7.36 0.21
N PRO B 150 14.15 6.49 -0.50
CA PRO B 150 14.58 6.89 -1.84
C PRO B 150 13.44 7.18 -2.82
N TRP B 151 12.25 6.66 -2.54
CA TRP B 151 11.13 6.89 -3.43
C TRP B 151 10.72 8.35 -3.48
N ARG B 152 11.07 9.12 -2.45
CA ARG B 152 10.72 10.53 -2.41
C ARG B 152 11.66 11.32 -3.31
N GLN B 153 12.65 10.63 -3.87
CA GLN B 153 13.57 11.26 -4.81
C GLN B 153 13.57 10.53 -6.17
N MET B 154 12.60 9.64 -6.36
CA MET B 154 12.52 8.87 -7.60
C MET B 154 12.31 9.75 -8.83
N SER B 155 11.40 10.72 -8.73
CA SER B 155 11.12 11.60 -9.85
C SER B 155 12.36 12.43 -10.20
N ALA B 156 13.04 12.93 -9.18
CA ALA B 156 14.27 13.69 -9.39
C ALA B 156 15.36 12.82 -10.02
N TRP B 157 15.46 11.57 -9.58
CA TRP B 157 16.42 10.66 -10.17
C TRP B 157 16.08 10.36 -11.65
N LEU B 158 14.80 10.14 -11.93
CA LEU B 158 14.37 9.87 -13.31
C LEU B 158 14.71 11.04 -14.23
N ARG B 159 14.72 12.24 -13.66
CA ARG B 159 15.00 13.45 -14.42
C ARG B 159 16.45 13.84 -14.46
N THR B 160 17.31 13.00 -13.89
CA THR B 160 18.73 13.30 -13.86
C THR B 160 19.45 12.67 -15.03
N GLY B 161 20.13 13.49 -15.82
CA GLY B 161 20.93 13.03 -16.93
C GLY B 161 22.31 12.61 -16.49
N LYS B 162 23.02 11.89 -17.36
CA LYS B 162 24.37 11.44 -17.05
C LYS B 162 25.38 12.53 -17.39
N LYS B 166 25.70 14.20 -11.63
CA LYS B 166 24.95 13.95 -10.39
C LYS B 166 24.17 12.65 -10.45
N ASP B 167 24.32 11.92 -11.56
CA ASP B 167 23.60 10.67 -11.74
C ASP B 167 24.16 9.53 -10.88
N THR B 168 23.30 8.54 -10.65
CA THR B 168 23.61 7.36 -9.85
C THR B 168 22.89 6.19 -10.53
N PRO B 169 23.29 4.94 -10.23
CA PRO B 169 22.65 3.79 -10.89
C PRO B 169 21.16 3.62 -10.57
N ASN B 170 20.73 4.10 -9.42
CA ASN B 170 19.33 3.97 -9.02
C ASN B 170 18.95 5.04 -8.00
N ALA B 171 17.66 5.09 -7.68
CA ALA B 171 17.16 6.07 -6.72
C ALA B 171 17.74 5.84 -5.32
N PHE B 172 17.94 4.58 -4.95
CA PHE B 172 18.56 4.26 -3.67
C PHE B 172 19.91 4.98 -3.51
N ALA B 173 20.78 4.84 -4.51
CA ALA B 173 22.09 5.49 -4.44
C ALA B 173 21.95 7.01 -4.48
N PHE B 174 21.01 7.49 -5.29
CA PHE B 174 20.72 8.91 -5.40
C PHE B 174 20.42 9.51 -4.02
N ALA B 175 19.72 8.75 -3.19
CA ALA B 175 19.30 9.20 -1.86
C ALA B 175 20.27 8.77 -0.74
N HIS B 176 21.35 8.08 -1.10
CA HIS B 176 22.33 7.61 -0.13
C HIS B 176 23.74 8.09 -0.47
N GLU B 177 23.83 9.33 -0.97
CA GLU B 177 25.12 9.95 -1.27
C GLU B 177 25.97 9.11 -2.23
N GLY B 178 25.28 8.44 -3.15
CA GLY B 178 25.94 7.66 -4.18
C GLY B 178 26.19 6.22 -3.80
N LYS B 179 25.79 5.83 -2.58
CA LYS B 179 26.07 4.49 -2.10
C LYS B 179 25.02 3.49 -2.57
N LYS B 180 25.48 2.41 -3.20
CA LYS B 180 24.60 1.32 -3.60
C LYS B 180 24.25 0.48 -2.37
N VAL B 181 23.29 -0.42 -2.52
CA VAL B 181 22.80 -1.19 -1.38
C VAL B 181 23.89 -2.04 -0.71
N TYR B 182 24.85 -2.54 -1.49
CA TYR B 182 25.94 -3.34 -0.94
C TYR B 182 26.73 -2.53 0.08
N GLU B 183 27.04 -1.28 -0.25
CA GLU B 183 27.83 -0.44 0.63
C GLU B 183 27.05 -0.06 1.89
N VAL B 184 25.77 0.26 1.74
CA VAL B 184 24.93 0.57 2.88
C VAL B 184 24.81 -0.63 3.84
N CYS B 185 24.64 -1.82 3.28
CA CYS B 185 24.66 -3.05 4.08
C CYS B 185 25.95 -3.22 4.89
N SER B 186 27.09 -2.83 4.31
CA SER B 186 28.37 -2.95 5.01
C SER B 186 28.46 -1.94 6.16
N GLU B 187 27.64 -0.89 6.10
CA GLU B 187 27.62 0.14 7.13
C GLU B 187 26.55 -0.13 8.19
N ASP B 188 25.49 -0.82 7.77
CA ASP B 188 24.31 -1.01 8.63
C ASP B 188 24.12 -2.50 8.88
N ALA B 189 24.73 -3.01 9.95
CA ALA B 189 24.70 -4.43 10.25
C ALA B 189 23.28 -4.96 10.47
N ASN B 190 22.44 -4.18 11.16
CA ASN B 190 21.06 -4.58 11.34
C ASN B 190 20.31 -4.76 10.01
N PHE B 191 20.43 -3.78 9.13
CA PHE B 191 19.74 -3.84 7.84
C PHE B 191 20.28 -5.01 7.04
N SER B 192 21.60 -5.19 7.07
CA SER B 192 22.23 -6.28 6.34
C SER B 192 21.71 -7.64 6.80
N GLN B 193 21.60 -7.80 8.13
CA GLN B 193 21.11 -9.05 8.71
C GLN B 193 19.66 -9.34 8.30
N LEU B 194 18.81 -8.31 8.35
CA LEU B 194 17.44 -8.47 7.90
C LEU B 194 17.35 -8.99 6.47
N PHE B 195 18.15 -8.41 5.58
CA PHE B 195 18.13 -8.80 4.17
C PHE B 195 18.55 -10.26 4.03
N SER B 196 19.67 -10.62 4.66
CA SER B 196 20.18 -11.99 4.64
C SER B 196 19.18 -12.98 5.21
N GLU B 197 18.58 -12.63 6.34
CA GLU B 197 17.58 -13.50 6.96
C GLU B 197 16.36 -13.66 6.07
N GLY B 198 15.97 -12.59 5.40
CA GLY B 198 14.81 -12.63 4.52
C GLY B 198 15.04 -13.55 3.32
N MET B 199 16.26 -13.51 2.79
CA MET B 199 16.58 -14.36 1.65
C MET B 199 16.60 -15.83 2.07
N ALA B 200 17.17 -16.09 3.24
CA ALA B 200 17.29 -17.44 3.77
C ALA B 200 15.91 -18.06 4.00
N GLY B 201 15.00 -17.28 4.57
CA GLY B 201 13.63 -17.71 4.81
C GLY B 201 12.94 -18.07 3.50
N ASP B 202 13.10 -17.24 2.47
CA ASP B 202 12.52 -17.57 1.19
C ASP B 202 13.11 -18.85 0.62
N SER B 203 14.43 -19.00 0.71
CA SER B 203 15.10 -20.17 0.17
C SER B 203 14.60 -21.45 0.82
N TRP B 204 14.24 -21.34 2.11
CA TRP B 204 13.74 -22.51 2.83
C TRP B 204 12.52 -23.09 2.13
N LEU B 205 11.56 -22.23 1.81
CA LEU B 205 10.35 -22.65 1.12
C LEU B 205 10.59 -22.92 -0.34
N PHE B 206 11.30 -22.01 -1.01
CA PHE B 206 11.44 -22.14 -2.45
C PHE B 206 12.15 -23.43 -2.83
N SER B 207 13.18 -23.78 -2.08
CA SER B 207 13.96 -24.97 -2.41
C SER B 207 13.11 -26.22 -2.33
N ARG B 208 12.25 -26.28 -1.32
CA ARG B 208 11.41 -27.45 -1.11
C ARG B 208 10.40 -27.60 -2.25
N ALA B 209 9.86 -26.47 -2.71
CA ALA B 209 8.98 -26.48 -3.87
C ALA B 209 9.77 -26.85 -5.14
N LEU B 210 10.97 -26.30 -5.25
CA LEU B 210 11.82 -26.54 -6.43
C LEU B 210 12.15 -28.01 -6.65
N VAL B 211 12.59 -28.70 -5.60
CA VAL B 211 13.00 -30.10 -5.75
C VAL B 211 11.82 -31.04 -5.96
N SER B 212 10.61 -30.57 -5.65
CA SER B 212 9.41 -31.37 -5.87
C SER B 212 8.84 -31.12 -7.27
N LYS B 213 8.58 -29.86 -7.58
CA LYS B 213 8.01 -29.44 -8.86
C LYS B 213 8.93 -29.76 -10.04
N CYS B 214 10.24 -29.71 -9.80
CA CYS B 214 11.21 -29.87 -10.87
C CYS B 214 12.13 -31.04 -10.62
N ARG B 215 11.59 -32.12 -10.06
CA ARG B 215 12.41 -33.28 -9.74
C ARG B 215 13.18 -33.76 -10.99
N ASP B 216 12.51 -33.75 -12.14
CA ASP B 216 13.11 -34.20 -13.38
C ASP B 216 14.36 -33.41 -13.78
N ALA B 217 14.46 -32.17 -13.35
CA ALA B 217 15.60 -31.31 -13.70
C ALA B 217 16.86 -31.65 -12.90
N PHE B 218 16.69 -32.44 -11.85
CA PHE B 218 17.85 -32.84 -11.03
C PHE B 218 18.29 -34.28 -11.31
N GLU B 219 17.45 -35.06 -11.98
CA GLU B 219 17.78 -36.44 -12.28
C GLU B 219 18.98 -36.49 -13.20
N GLY B 220 19.96 -37.33 -12.89
CA GLY B 220 21.12 -37.48 -13.74
C GLY B 220 22.29 -36.55 -13.45
N LEU B 221 22.11 -35.61 -12.52
CA LEU B 221 23.18 -34.68 -12.13
C LEU B 221 24.06 -35.27 -11.03
N SER B 222 25.36 -34.98 -11.08
N SER B 222 25.36 -34.98 -11.08
CA SER B 222 26.28 -35.43 -10.02
CA SER B 222 26.30 -35.44 -10.06
C SER B 222 26.90 -34.26 -9.27
C SER B 222 26.91 -34.27 -9.29
N SER B 223 26.66 -33.05 -9.76
CA SER B 223 27.21 -31.85 -9.16
C SER B 223 26.41 -30.62 -9.54
N LEU B 224 26.45 -29.61 -8.67
CA LEU B 224 25.73 -28.38 -8.92
C LEU B 224 26.45 -27.26 -8.19
N VAL B 225 26.57 -26.10 -8.84
CA VAL B 225 27.08 -24.92 -8.15
C VAL B 225 25.95 -23.91 -7.96
N ASP B 226 25.80 -23.47 -6.71
CA ASP B 226 24.72 -22.61 -6.26
C ASP B 226 25.29 -21.21 -6.11
N VAL B 227 25.21 -20.42 -7.17
CA VAL B 227 25.86 -19.12 -7.24
C VAL B 227 25.06 -18.08 -6.45
N GLY B 228 25.68 -17.52 -5.42
CA GLY B 228 24.99 -16.57 -4.55
C GLY B 228 24.22 -17.32 -3.48
N GLY B 229 24.65 -18.54 -3.20
CA GLY B 229 23.93 -19.45 -2.31
C GLY B 229 23.96 -19.15 -0.81
N GLY B 230 24.77 -18.17 -0.40
CA GLY B 230 24.78 -17.72 0.98
C GLY B 230 25.04 -18.79 2.03
N THR B 231 24.13 -18.90 3.00
CA THR B 231 24.27 -19.85 4.10
C THR B 231 23.91 -21.27 3.69
N GLY B 232 23.51 -21.44 2.44
CA GLY B 232 23.32 -22.78 1.88
C GLY B 232 21.95 -23.42 2.05
N ASN B 233 20.90 -22.62 2.29
CA ASN B 233 19.56 -23.19 2.46
C ASN B 233 19.03 -23.92 1.22
N THR B 234 19.35 -23.39 0.05
CA THR B 234 18.90 -24.02 -1.19
C THR B 234 19.66 -25.32 -1.43
N SER B 235 20.98 -25.25 -1.32
CA SER B 235 21.82 -26.41 -1.59
C SER B 235 21.61 -27.54 -0.58
N LYS B 236 21.33 -27.18 0.67
N LYS B 236 21.32 -27.17 0.66
CA LYS B 236 21.05 -28.17 1.71
CA LYS B 236 21.04 -28.15 1.72
C LYS B 236 19.88 -29.05 1.29
C LYS B 236 19.88 -29.05 1.30
N VAL B 237 18.82 -28.41 0.81
CA VAL B 237 17.62 -29.13 0.41
C VAL B 237 17.87 -29.96 -0.86
N ILE B 238 18.61 -29.39 -1.80
CA ILE B 238 18.96 -30.15 -3.02
C ILE B 238 19.77 -31.41 -2.64
N ALA B 239 20.77 -31.24 -1.78
CA ALA B 239 21.62 -32.36 -1.39
C ALA B 239 20.87 -33.44 -0.61
N GLU B 240 19.95 -33.01 0.27
CA GLU B 240 19.14 -33.94 1.04
C GLU B 240 18.19 -34.73 0.13
N THR B 241 17.66 -34.05 -0.87
CA THR B 241 16.66 -34.66 -1.75
C THR B 241 17.28 -35.56 -2.82
N PHE B 242 18.45 -35.16 -3.30
CA PHE B 242 19.14 -35.88 -4.37
C PHE B 242 20.54 -36.25 -3.89
N PRO B 243 20.66 -37.44 -3.27
CA PRO B 243 21.87 -37.76 -2.50
C PRO B 243 23.14 -37.95 -3.32
N ASN B 244 23.01 -37.95 -4.65
CA ASN B 244 24.18 -38.12 -5.50
C ASN B 244 24.68 -36.80 -6.09
N ILE B 245 24.09 -35.70 -5.68
CA ILE B 245 24.52 -34.40 -6.18
C ILE B 245 25.47 -33.71 -5.21
N HIS B 246 26.72 -33.53 -5.62
CA HIS B 246 27.68 -32.74 -4.84
C HIS B 246 27.42 -31.25 -5.08
N CYS B 247 26.93 -30.57 -4.05
CA CYS B 247 26.58 -29.16 -4.17
C CYS B 247 27.68 -28.25 -3.65
N THR B 248 28.01 -27.22 -4.41
CA THR B 248 29.00 -26.23 -4.00
C THR B 248 28.35 -24.84 -4.01
N VAL B 249 28.34 -24.18 -2.86
CA VAL B 249 27.83 -22.82 -2.79
C VAL B 249 28.96 -21.85 -3.10
N PHE B 250 28.74 -20.99 -4.09
CA PHE B 250 29.75 -20.05 -4.53
C PHE B 250 29.24 -18.63 -4.29
N ASP B 251 29.92 -17.89 -3.43
CA ASP B 251 29.42 -16.58 -3.02
C ASP B 251 30.55 -15.69 -2.50
N LEU B 252 30.26 -14.40 -2.34
CA LEU B 252 31.23 -13.45 -1.81
C LEU B 252 31.60 -13.81 -0.38
N PRO B 253 32.88 -13.58 0.00
CA PRO B 253 33.39 -13.90 1.34
C PRO B 253 32.67 -13.12 2.45
N GLY B 258 25.30 -15.78 9.66
CA GLY B 258 25.61 -16.76 10.69
C GLY B 258 26.16 -18.05 10.12
N PRO B 259 26.21 -19.11 10.94
CA PRO B 259 26.75 -20.42 10.55
C PRO B 259 26.06 -20.99 9.32
N LYS B 260 26.85 -21.62 8.45
CA LYS B 260 26.35 -22.19 7.20
C LYS B 260 25.83 -23.60 7.39
N GLN B 261 24.86 -23.98 6.56
CA GLN B 261 24.26 -25.30 6.60
C GLN B 261 25.29 -26.39 6.38
N THR B 262 25.09 -27.51 7.07
N THR B 262 25.16 -27.51 7.11
CA THR B 262 26.01 -28.63 7.02
CA THR B 262 26.10 -28.62 6.95
C THR B 262 25.35 -29.79 6.27
C THR B 262 25.46 -29.88 6.40
N HIS B 263 26.13 -30.44 5.40
CA HIS B 263 25.70 -31.69 4.79
C HIS B 263 26.95 -32.30 4.15
N PRO B 264 27.06 -33.63 4.13
CA PRO B 264 28.26 -34.28 3.58
C PRO B 264 28.52 -33.94 2.11
N ASN B 265 27.46 -33.68 1.34
CA ASN B 265 27.63 -33.36 -0.08
C ASN B 265 27.49 -31.88 -0.36
N LEU B 266 27.71 -31.07 0.66
CA LEU B 266 27.60 -29.62 0.54
C LEU B 266 28.90 -28.95 0.93
N ASP B 267 29.52 -28.21 0.01
CA ASP B 267 30.67 -27.40 0.41
C ASP B 267 30.60 -25.97 -0.11
N TYR B 268 31.61 -25.18 0.26
CA TYR B 268 31.58 -23.75 0.03
C TYR B 268 32.87 -23.25 -0.60
N GLU B 269 32.73 -22.42 -1.63
CA GLU B 269 33.87 -21.73 -2.22
C GLU B 269 33.57 -20.24 -2.32
N SER B 270 34.59 -19.41 -2.13
CA SER B 270 34.41 -17.96 -2.16
C SER B 270 34.84 -17.35 -3.49
N GLY B 271 34.15 -16.29 -3.91
CA GLY B 271 34.50 -15.60 -5.14
C GLY B 271 33.46 -14.61 -5.63
N ASN B 272 33.89 -13.72 -6.52
CA ASN B 272 33.00 -12.77 -7.17
C ASN B 272 32.53 -13.34 -8.50
N MET B 273 31.23 -13.52 -8.64
CA MET B 273 30.67 -14.15 -9.84
C MET B 273 30.90 -13.34 -11.13
N PHE B 274 31.18 -12.05 -10.96
CA PHE B 274 31.44 -11.18 -12.11
C PHE B 274 32.90 -11.15 -12.54
N THR B 275 33.83 -11.36 -11.60
CA THR B 275 35.26 -11.19 -11.89
C THR B 275 36.09 -12.45 -11.68
N ASP B 276 35.54 -13.42 -10.95
CA ASP B 276 36.23 -14.68 -10.71
C ASP B 276 35.58 -15.83 -11.49
N GLU B 277 36.31 -16.92 -11.65
CA GLU B 277 35.81 -18.08 -12.39
C GLU B 277 34.84 -18.89 -11.53
N ILE B 278 33.64 -19.09 -12.05
CA ILE B 278 32.63 -19.89 -11.38
C ILE B 278 33.05 -21.36 -11.40
N PRO B 279 32.99 -22.03 -10.24
CA PRO B 279 33.31 -23.46 -10.11
C PRO B 279 32.61 -24.31 -11.16
N HIS B 280 33.30 -25.35 -11.63
CA HIS B 280 32.73 -26.23 -12.64
C HIS B 280 31.77 -27.25 -12.01
N ALA B 281 30.65 -27.49 -12.68
CA ALA B 281 29.67 -28.48 -12.21
C ALA B 281 28.76 -28.90 -13.36
N ASP B 282 27.97 -29.96 -13.14
CA ASP B 282 26.98 -30.39 -14.14
C ASP B 282 25.88 -29.37 -14.36
N ALA B 283 25.64 -28.54 -13.36
CA ALA B 283 24.61 -27.50 -13.44
C ALA B 283 25.09 -26.28 -12.67
N VAL B 284 24.82 -25.11 -13.24
CA VAL B 284 25.06 -23.86 -12.56
C VAL B 284 23.71 -23.25 -12.21
N LEU B 285 23.47 -23.06 -10.92
CA LEU B 285 22.19 -22.55 -10.42
C LEU B 285 22.27 -21.09 -10.03
N PHE B 286 21.35 -20.29 -10.54
CA PHE B 286 21.18 -18.90 -10.10
C PHE B 286 19.78 -18.74 -9.51
N LYS B 287 19.67 -18.69 -8.19
CA LYS B 287 18.36 -18.50 -7.56
C LYS B 287 18.19 -17.05 -7.08
N TRP B 288 17.31 -16.32 -7.76
CA TRP B 288 17.03 -14.91 -7.43
C TRP B 288 18.31 -14.08 -7.44
N VAL B 289 19.13 -14.30 -8.45
CA VAL B 289 20.40 -13.60 -8.55
C VAL B 289 20.40 -12.70 -9.78
N LEU B 290 20.07 -13.27 -10.92
CA LEU B 290 20.19 -12.57 -12.20
C LEU B 290 19.23 -11.39 -12.27
N CYS B 291 18.10 -11.48 -11.56
CA CYS B 291 17.15 -10.38 -11.48
C CYS B 291 17.73 -9.12 -10.84
N ASP B 292 18.85 -9.26 -10.13
CA ASP B 292 19.42 -8.10 -9.44
C ASP B 292 20.24 -7.22 -10.36
N TRP B 293 20.53 -7.71 -11.57
CA TRP B 293 21.54 -7.09 -12.43
C TRP B 293 21.06 -6.79 -13.86
N PRO B 294 21.67 -5.79 -14.52
CA PRO B 294 21.23 -5.46 -15.87
C PRO B 294 21.86 -6.36 -16.94
N ASP B 295 21.41 -6.21 -18.18
CA ASP B 295 21.82 -7.10 -19.27
C ASP B 295 23.32 -7.23 -19.49
N GLU B 296 24.06 -6.12 -19.43
CA GLU B 296 25.48 -6.17 -19.79
C GLU B 296 26.33 -7.09 -18.89
N PRO B 297 26.26 -6.92 -17.56
CA PRO B 297 27.04 -7.89 -16.76
C PRO B 297 26.45 -9.30 -16.75
N VAL B 298 25.14 -9.43 -16.85
CA VAL B 298 24.52 -10.76 -16.90
C VAL B 298 24.95 -11.50 -18.16
N LEU B 299 24.92 -10.81 -19.31
CA LEU B 299 25.35 -11.44 -20.55
C LEU B 299 26.80 -11.90 -20.47
N LYS B 300 27.66 -11.03 -19.94
CA LYS B 300 29.07 -11.34 -19.86
C LYS B 300 29.29 -12.58 -18.99
N MET B 301 28.52 -12.67 -17.91
CA MET B 301 28.61 -13.82 -17.01
C MET B 301 28.03 -15.09 -17.63
N LEU B 302 26.92 -14.94 -18.35
CA LEU B 302 26.32 -16.08 -19.06
C LEU B 302 27.25 -16.65 -20.11
N LYS B 303 27.97 -15.78 -20.82
CA LYS B 303 28.93 -16.25 -21.82
C LYS B 303 30.03 -17.06 -21.17
N GLN B 304 30.43 -16.64 -19.98
CA GLN B 304 31.47 -17.35 -19.25
C GLN B 304 30.97 -18.72 -18.81
N CYS B 305 29.70 -18.79 -18.46
CA CYS B 305 29.06 -20.06 -18.11
C CYS B 305 28.99 -20.96 -19.35
N LYS B 306 28.66 -20.35 -20.49
CA LYS B 306 28.60 -21.06 -21.76
C LYS B 306 29.92 -21.74 -22.08
N LYS B 307 31.01 -20.99 -21.93
CA LYS B 307 32.34 -21.51 -22.19
C LYS B 307 32.67 -22.65 -21.21
N ALA B 308 32.28 -22.47 -19.96
CA ALA B 308 32.58 -23.46 -18.92
C ALA B 308 31.76 -24.74 -19.06
N LEU B 309 30.46 -24.57 -19.34
CA LEU B 309 29.55 -25.72 -19.44
C LEU B 309 29.75 -26.54 -20.72
N THR B 310 30.80 -26.22 -21.48
CA THR B 310 31.12 -26.98 -22.67
C THR B 310 32.61 -27.33 -22.70
N LYS B 315 29.55 -31.51 -20.69
CA LYS B 315 28.60 -30.47 -21.08
C LYS B 315 27.40 -30.43 -20.13
N GLY B 316 27.28 -29.35 -19.37
CA GLY B 316 26.20 -29.20 -18.40
C GLY B 316 25.10 -28.24 -18.80
N LYS B 317 24.38 -27.70 -17.83
CA LYS B 317 23.29 -26.76 -18.11
C LYS B 317 23.20 -25.64 -17.08
N LEU B 318 22.53 -24.56 -17.48
CA LEU B 318 22.22 -23.45 -16.60
C LEU B 318 20.88 -23.74 -15.94
N MET B 319 20.75 -23.41 -14.66
CA MET B 319 19.47 -23.48 -13.99
C MET B 319 19.16 -22.13 -13.37
N ILE B 320 18.14 -21.45 -13.90
CA ILE B 320 17.76 -20.14 -13.41
C ILE B 320 16.43 -20.25 -12.69
N ALA B 321 16.44 -19.96 -11.39
CA ALA B 321 15.23 -20.01 -10.59
C ALA B 321 14.87 -18.58 -10.27
N ASP B 322 13.92 -18.05 -11.01
CA ASP B 322 13.67 -16.62 -10.97
C ASP B 322 12.33 -16.32 -11.63
N HIS B 323 12.04 -15.04 -11.81
CA HIS B 323 10.80 -14.64 -12.45
C HIS B 323 10.88 -14.61 -13.98
N VAL B 324 9.86 -15.18 -14.61
CA VAL B 324 9.55 -14.90 -16.01
C VAL B 324 8.22 -14.14 -15.95
N LEU B 325 8.28 -12.83 -16.17
CA LEU B 325 7.20 -11.93 -15.80
C LEU B 325 5.87 -12.28 -16.46
N ASP B 326 5.94 -12.66 -17.73
CA ASP B 326 4.73 -12.89 -18.51
C ASP B 326 4.33 -14.36 -18.57
N HIS B 327 4.91 -15.18 -17.70
CA HIS B 327 4.64 -16.61 -17.77
C HIS B 327 3.20 -16.95 -17.39
N GLU B 328 2.64 -17.97 -18.03
CA GLU B 328 1.24 -18.35 -17.81
C GLU B 328 0.96 -18.71 -16.36
N SER B 329 1.96 -19.24 -15.66
CA SER B 329 1.76 -19.67 -14.30
C SER B 329 1.57 -18.52 -13.31
N CYS B 330 1.94 -17.32 -13.71
CA CYS B 330 1.83 -16.16 -12.82
C CYS B 330 1.14 -14.98 -13.49
N ASN B 331 0.23 -15.28 -14.42
CA ASN B 331 -0.40 -14.23 -15.24
C ASN B 331 -1.73 -13.69 -14.71
N ASP B 332 -2.23 -14.23 -13.60
CA ASP B 332 -3.46 -13.72 -13.02
C ASP B 332 -3.21 -12.30 -12.50
N SER B 333 -4.27 -11.53 -12.37
CA SER B 333 -4.11 -10.10 -12.03
CA SER B 333 -4.11 -10.10 -12.03
C SER B 333 -3.38 -9.86 -10.71
N ASN B 334 -3.71 -10.65 -9.69
CA ASN B 334 -3.03 -10.51 -8.40
C ASN B 334 -1.54 -10.78 -8.50
N SER B 335 -1.19 -11.88 -9.18
CA SER B 335 0.20 -12.24 -9.35
C SER B 335 0.95 -11.17 -10.14
N MET B 336 0.34 -10.70 -11.22
CA MET B 336 0.99 -9.70 -12.03
C MET B 336 1.20 -8.41 -11.24
N GLY B 337 0.21 -8.03 -10.44
CA GLY B 337 0.36 -6.86 -9.61
C GLY B 337 1.55 -6.93 -8.67
N THR B 338 1.73 -8.09 -8.05
CA THR B 338 2.85 -8.27 -7.13
C THR B 338 4.18 -8.33 -7.90
N SER B 339 4.18 -8.99 -9.07
CA SER B 339 5.38 -9.00 -9.91
C SER B 339 5.80 -7.58 -10.27
N LEU B 340 4.84 -6.73 -10.63
CA LEU B 340 5.17 -5.36 -11.04
C LEU B 340 5.64 -4.53 -9.83
N ILE B 341 5.06 -4.77 -8.67
CA ILE B 341 5.53 -4.15 -7.44
C ILE B 341 7.00 -4.54 -7.17
N LEU B 342 7.34 -5.81 -7.39
CA LEU B 342 8.73 -6.23 -7.25
C LEU B 342 9.62 -5.56 -8.29
N ASP B 343 9.12 -5.43 -9.52
CA ASP B 343 9.88 -4.78 -10.56
C ASP B 343 10.20 -3.34 -10.17
N MET B 344 9.23 -2.68 -9.54
CA MET B 344 9.45 -1.33 -9.02
C MET B 344 10.43 -1.31 -7.84
N LEU B 345 10.27 -2.22 -6.91
CA LEU B 345 11.21 -2.32 -5.79
C LEU B 345 12.63 -2.50 -6.33
N PHE B 346 12.79 -3.43 -7.27
CA PHE B 346 14.11 -3.74 -7.82
C PHE B 346 14.64 -2.54 -8.59
N MET B 347 13.76 -1.82 -9.29
CA MET B 347 14.20 -0.64 -10.00
C MET B 347 14.78 0.40 -9.06
N SER B 348 14.18 0.52 -7.87
CA SER B 348 14.61 1.53 -6.91
C SER B 348 15.94 1.22 -6.23
N PHE B 349 16.21 -0.05 -5.87
CA PHE B 349 17.35 -0.32 -5.01
C PHE B 349 18.36 -1.35 -5.51
N LEU B 350 18.01 -2.07 -6.57
CA LEU B 350 18.95 -2.97 -7.23
C LEU B 350 19.28 -2.39 -8.60
N GLU B 351 19.88 -3.20 -9.48
CA GLU B 351 20.22 -2.73 -10.82
C GLU B 351 19.57 -3.62 -11.87
N GLY B 352 18.55 -4.38 -11.45
CA GLY B 352 17.87 -5.30 -12.33
C GLY B 352 16.38 -5.09 -12.43
N SER B 353 15.67 -6.18 -12.75
CA SER B 353 14.28 -6.09 -13.15
C SER B 353 13.71 -7.49 -13.21
N LEU B 354 12.40 -7.61 -13.42
CA LEU B 354 11.79 -8.89 -13.73
C LEU B 354 11.63 -9.02 -15.23
N ARG B 355 12.37 -9.95 -15.83
CA ARG B 355 12.40 -10.09 -17.27
C ARG B 355 11.26 -10.95 -17.80
N THR B 356 10.76 -10.59 -18.97
CA THR B 356 9.80 -11.42 -19.69
C THR B 356 10.53 -12.59 -20.35
N GLU B 357 9.78 -13.59 -20.81
CA GLU B 357 10.40 -14.70 -21.54
C GLU B 357 11.19 -14.22 -22.75
N LYS B 358 10.63 -13.25 -23.48
CA LYS B 358 11.31 -12.71 -24.65
C LYS B 358 12.66 -12.10 -24.29
N GLN B 359 12.69 -11.38 -23.17
CA GLN B 359 13.94 -10.79 -22.68
C GLN B 359 14.96 -11.86 -22.27
N TRP B 360 14.50 -12.88 -21.56
CA TRP B 360 15.39 -13.99 -21.20
C TRP B 360 15.93 -14.68 -22.44
N ALA B 361 15.04 -15.02 -23.37
CA ALA B 361 15.43 -15.75 -24.56
C ALA B 361 16.48 -14.99 -25.37
N LYS B 362 16.37 -13.66 -25.38
CA LYS B 362 17.31 -12.84 -26.12
C LYS B 362 18.71 -12.92 -25.50
N LEU B 363 18.76 -12.86 -24.17
CA LEU B 363 19.99 -13.03 -23.41
C LEU B 363 20.61 -14.40 -23.66
N PHE B 364 19.79 -15.44 -23.60
CA PHE B 364 20.32 -16.79 -23.86
C PHE B 364 20.92 -16.94 -25.25
N ALA B 365 20.23 -16.41 -26.25
CA ALA B 365 20.70 -16.48 -27.63
C ALA B 365 22.04 -15.76 -27.80
N GLU B 366 22.11 -14.53 -27.29
CA GLU B 366 23.33 -13.74 -27.42
C GLU B 366 24.50 -14.36 -26.64
N ALA B 367 24.18 -15.13 -25.60
CA ALA B 367 25.20 -15.79 -24.80
C ALA B 367 25.70 -17.09 -25.42
N GLY B 368 25.02 -17.55 -26.46
CA GLY B 368 25.44 -18.73 -27.19
C GLY B 368 24.72 -20.01 -26.80
N PHE B 369 23.68 -19.89 -25.98
CA PHE B 369 22.90 -21.07 -25.60
C PHE B 369 21.92 -21.42 -26.71
N LYS B 370 21.50 -22.68 -26.78
CA LYS B 370 20.76 -23.19 -27.94
C LYS B 370 19.30 -23.51 -27.67
N ASP B 371 18.93 -23.73 -26.42
CA ASP B 371 17.63 -24.27 -26.08
C ASP B 371 17.36 -23.97 -24.62
N TYR B 372 16.08 -23.92 -24.26
CA TYR B 372 15.73 -23.76 -22.87
C TYR B 372 14.36 -24.37 -22.60
N LYS B 373 14.09 -24.65 -21.33
CA LYS B 373 12.84 -25.24 -20.90
C LYS B 373 12.39 -24.60 -19.59
N ILE B 374 11.15 -24.12 -19.56
CA ILE B 374 10.61 -23.52 -18.34
C ILE B 374 9.67 -24.48 -17.62
N THR B 375 9.91 -24.67 -16.32
CA THR B 375 9.01 -25.43 -15.46
C THR B 375 8.55 -24.54 -14.30
N PRO B 376 7.23 -24.34 -14.17
CA PRO B 376 6.74 -23.49 -13.08
C PRO B 376 7.03 -24.12 -11.71
N VAL B 377 7.33 -23.27 -10.73
CA VAL B 377 7.59 -23.73 -9.38
C VAL B 377 6.54 -23.16 -8.43
N GLY B 378 6.48 -21.83 -8.35
CA GLY B 378 5.53 -21.16 -7.48
C GLY B 378 6.13 -19.86 -6.97
N GLY B 379 5.38 -19.12 -6.16
CA GLY B 379 5.88 -17.88 -5.61
C GLY B 379 6.31 -16.88 -6.68
N LEU B 380 5.50 -16.81 -7.75
CA LEU B 380 5.73 -15.93 -8.91
C LEU B 380 6.92 -16.35 -9.76
N ARG B 381 7.49 -17.52 -9.47
CA ARG B 381 8.76 -17.91 -10.07
C ARG B 381 8.74 -19.26 -10.76
N VAL B 382 9.74 -19.47 -11.61
CA VAL B 382 9.87 -20.69 -12.37
C VAL B 382 11.32 -21.16 -12.37
N LEU B 383 11.53 -22.38 -12.89
CA LEU B 383 12.86 -22.84 -13.21
C LEU B 383 13.07 -22.75 -14.71
N ILE B 384 14.16 -22.12 -15.13
CA ILE B 384 14.56 -22.18 -16.53
C ILE B 384 15.80 -23.04 -16.64
N GLU B 385 15.71 -24.14 -17.39
CA GLU B 385 16.89 -24.91 -17.73
C GLU B 385 17.40 -24.39 -19.06
N VAL B 386 18.68 -24.05 -19.14
CA VAL B 386 19.23 -23.50 -20.38
C VAL B 386 20.40 -24.35 -20.87
N TYR B 387 20.32 -24.80 -22.11
CA TYR B 387 21.30 -25.74 -22.66
CA TYR B 387 21.31 -25.73 -22.65
C TYR B 387 22.24 -25.06 -23.64
N PRO B 388 23.56 -25.26 -23.46
CA PRO B 388 24.54 -24.64 -24.35
C PRO B 388 24.73 -25.44 -25.63
C1 GOL C . -4.18 -6.29 -1.07
O1 GOL C . -2.86 -5.93 -0.75
C2 GOL C . -5.12 -5.18 -0.60
O2 GOL C . -4.48 -3.95 -0.81
C3 GOL C . -5.32 -5.38 0.90
O3 GOL C . -6.68 -5.33 1.23
C1 GOL D . -4.73 -4.03 -5.02
O1 GOL D . -4.86 -5.36 -4.59
C2 GOL D . -3.26 -3.75 -5.31
O2 GOL D . -2.64 -3.10 -4.22
C3 GOL D . -3.07 -2.94 -6.58
O3 GOL D . -2.97 -3.83 -7.66
C1 N7I E . -9.68 11.06 4.04
O1 N7I E . -11.61 14.08 7.87
C2 N7I E . -5.14 13.18 4.76
O2 N7I E . -6.50 10.24 2.35
C3 N7I E . -8.80 10.43 3.16
O3 N7I E . -5.67 12.09 3.98
C4 N7I E . -7.43 10.80 3.16
C5 N7I E . -6.97 11.83 4.07
C6 N7I E . -7.87 12.43 4.93
C7 N7I E . -9.25 12.06 4.92
C8 N7I E . -10.16 12.74 5.90
C9 N7I E . -11.48 12.78 5.85
C10 N7I E . -12.37 13.46 6.89
C1 GOL F . 2.48 -18.75 -9.36
O1 GOL F . 3.84 -18.42 -9.55
C2 GOL F . 1.88 -17.72 -8.44
O2 GOL F . 2.51 -17.83 -7.18
C3 GOL F . 0.37 -17.94 -8.31
O3 GOL F . 0.13 -19.18 -7.67
C1 N7I G . 12.59 -9.64 -2.88
O1 N7I G . 17.51 -10.15 -4.81
C2 N7I G . 14.47 -6.25 0.34
O2 N7I G . 10.73 -7.66 -0.38
C3 N7I G . 11.51 -9.19 -2.11
O3 N7I G . 13.15 -6.65 -0.05
C4 N7I G . 11.72 -8.16 -1.14
C5 N7I G . 13.04 -7.60 -0.99
C6 N7I G . 14.09 -8.09 -1.76
C7 N7I G . 13.88 -9.12 -2.72
C8 N7I G . 15.06 -9.56 -3.53
C9 N7I G . 15.19 -10.65 -4.24
C10 N7I G . 16.42 -11.01 -5.06
#